data_1UQU
#
_entry.id   1UQU
#
_cell.length_a   88.905
_cell.length_b   102.310
_cell.length_c   118.924
_cell.angle_alpha   90.00
_cell.angle_beta   90.00
_cell.angle_gamma   90.00
#
_symmetry.space_group_name_H-M   'P 21 21 2'
#
loop_
_entity.id
_entity.type
_entity.pdbx_description
1 polymer 'ALPHA, ALPHA-TREHALOSE-PHOSPHATE SYNTHASE'
2 non-polymer "URIDINE-5'-DIPHOSPHATE-GLUCOSE"
3 water water
#
_entity_poly.entity_id   1
_entity_poly.type   'polypeptide(L)'
_entity_poly.pdbx_seq_one_letter_code
;MSRLVVVSNRIAPPDEHAASAGGLAVGILGALKAAGGLWFGWSGETGNEDQPLKKVKKGNITWASFNLSEQDLDEYYNQF
SNAVLWPAFHYRLDLVQFQRPAWDGYLRVNALLADKLLPLLQDDDIIWIHDYHLLPFAHELRKRGVNNRIGFFLHIPFPT
PEIFNALPTYDTLLEQLCDYDLLGFQTENDRLAFLDCLSNLTRVTTRSAKSHTAWGKAFRTEVYPIGIEPKEIAKQAAGP
LPPKLAQLKAELKNVQNIFSVERLDYSKGLPERFLAYEALLEKYPQHHGKIRYTQIAPTSRGDVQAYQDIRHQLENEAGR
INGKYGQLGWTPLYYLNQHFDRKLLMKIFRYSDVGLVTPLRDGMNLVAKEYVAAQDPANPGVLVLSQFAGAANELTSALI
VNPYDRDEVAAALDRALTMSLAERISRHAEMLDVIVKNDINHWQECFISDLKQIVPRSAESQQRDKVATFPKLALEHHHH
HH
;
_entity_poly.pdbx_strand_id   A,B
#
loop_
_chem_comp.id
_chem_comp.type
_chem_comp.name
_chem_comp.formula
UPG non-polymer URIDINE-5'-DIPHOSPHATE-GLUCOSE 'C15 H24 N2 O17 P2'
#
# COMPACT_ATOMS: atom_id res chain seq x y z
N SER A 2 -34.54 -42.16 0.29
CA SER A 2 -34.60 -41.74 -1.10
C SER A 2 -34.22 -40.27 -1.25
N ARG A 3 -35.20 -39.35 -1.19
CA ARG A 3 -34.95 -37.93 -1.49
C ARG A 3 -33.91 -37.28 -0.56
N LEU A 4 -33.04 -36.46 -1.14
CA LEU A 4 -32.01 -35.74 -0.35
C LEU A 4 -32.42 -34.27 -0.19
N VAL A 5 -32.33 -33.76 1.03
CA VAL A 5 -32.51 -32.33 1.24
C VAL A 5 -31.16 -31.83 1.75
N VAL A 6 -30.66 -30.79 1.12
CA VAL A 6 -29.40 -30.19 1.54
C VAL A 6 -29.72 -28.77 1.92
N VAL A 7 -29.31 -28.38 3.12
CA VAL A 7 -29.32 -26.92 3.27
C VAL A 7 -27.96 -26.38 3.73
N SER A 8 -27.70 -25.21 3.16
CA SER A 8 -26.47 -24.45 3.43
C SER A 8 -26.77 -22.96 3.35
N ASN A 9 -25.87 -22.15 3.93
CA ASN A 9 -26.06 -20.70 3.99
C ASN A 9 -26.30 -20.07 2.62
N ARG A 10 -25.60 -20.53 1.58
CA ARG A 10 -25.93 -20.13 0.21
C ARG A 10 -26.16 -21.36 -0.65
N ILE A 11 -26.85 -21.17 -1.77
CA ILE A 11 -27.15 -22.24 -2.71
C ILE A 11 -26.84 -21.81 -4.14
N ALA A 12 -26.52 -22.77 -5.00
CA ALA A 12 -26.17 -22.48 -6.38
C ALA A 12 -27.21 -23.00 -7.38
N PRO A 13 -28.10 -22.12 -7.85
CA PRO A 13 -29.11 -22.51 -8.84
C PRO A 13 -28.53 -22.56 -10.27
N PRO A 14 -29.15 -23.33 -11.19
CA PRO A 14 -28.62 -23.65 -12.52
C PRO A 14 -27.68 -22.64 -13.23
N ASP A 15 -28.11 -21.41 -13.48
CA ASP A 15 -27.21 -20.39 -14.05
C ASP A 15 -26.98 -19.22 -13.08
N SER A 20 -21.23 -20.24 -12.21
CA SER A 20 -19.81 -20.55 -11.95
C SER A 20 -19.66 -21.50 -10.76
N ALA A 21 -19.55 -22.80 -11.06
CA ALA A 21 -19.70 -23.87 -10.06
C ALA A 21 -18.46 -24.17 -9.20
N GLY A 22 -18.56 -23.81 -7.93
CA GLY A 22 -17.49 -24.04 -6.98
C GLY A 22 -17.34 -25.47 -6.51
N GLY A 23 -16.26 -25.69 -5.76
CA GLY A 23 -15.92 -26.98 -5.17
C GLY A 23 -17.01 -27.69 -4.40
N LEU A 24 -17.59 -27.03 -3.42
CA LEU A 24 -18.69 -27.63 -2.67
C LEU A 24 -19.93 -27.86 -3.53
N ALA A 25 -20.27 -26.90 -4.38
CA ALA A 25 -21.47 -26.98 -5.24
C ALA A 25 -21.51 -28.24 -6.10
N VAL A 26 -20.37 -28.57 -6.72
CA VAL A 26 -20.27 -29.76 -7.54
C VAL A 26 -20.55 -31.03 -6.72
N GLY A 27 -20.19 -31.00 -5.45
CA GLY A 27 -20.43 -32.12 -4.57
C GLY A 27 -21.88 -32.28 -4.21
N ILE A 28 -22.47 -31.20 -3.72
CA ILE A 28 -23.91 -31.17 -3.44
C ILE A 28 -24.75 -31.59 -4.63
N LEU A 29 -24.42 -31.02 -5.79
CA LEU A 29 -25.22 -31.29 -6.99
C LEU A 29 -25.08 -32.74 -7.45
N GLY A 30 -23.88 -33.31 -7.27
CA GLY A 30 -23.62 -34.73 -7.52
C GLY A 30 -24.54 -35.60 -6.67
N ALA A 31 -24.66 -35.27 -5.39
CA ALA A 31 -25.54 -35.96 -4.47
C ALA A 31 -27.02 -35.80 -4.85
N LEU A 32 -27.42 -34.56 -5.07
CA LEU A 32 -28.81 -34.25 -5.42
C LEU A 32 -29.23 -34.90 -6.73
N LYS A 33 -28.32 -34.91 -7.72
CA LYS A 33 -28.60 -35.51 -9.02
C LYS A 33 -28.83 -37.02 -8.89
N ALA A 34 -28.10 -37.64 -7.99
CA ALA A 34 -28.19 -39.08 -7.75
C ALA A 34 -29.50 -39.43 -7.05
N ALA A 35 -29.77 -38.77 -5.92
CA ALA A 35 -30.99 -39.03 -5.16
C ALA A 35 -32.22 -38.32 -5.74
N GLY A 36 -32.02 -37.15 -6.34
CA GLY A 36 -33.11 -36.20 -6.53
C GLY A 36 -33.38 -35.54 -5.18
N GLY A 37 -33.96 -34.35 -5.20
CA GLY A 37 -34.30 -33.70 -3.94
C GLY A 37 -34.31 -32.19 -3.97
N LEU A 38 -33.84 -31.59 -2.87
CA LEU A 38 -34.04 -30.16 -2.67
C LEU A 38 -32.78 -29.52 -2.10
N TRP A 39 -32.42 -28.34 -2.61
CA TRP A 39 -31.37 -27.56 -1.98
C TRP A 39 -32.00 -26.26 -1.53
N PHE A 40 -31.85 -25.97 -0.23
CA PHE A 40 -32.55 -24.89 0.46
C PHE A 40 -31.53 -23.99 1.17
N GLY A 41 -31.63 -22.67 1.02
CA GLY A 41 -30.76 -21.76 1.75
C GLY A 41 -30.95 -20.27 1.48
N TRP A 42 -30.11 -19.42 2.07
CA TRP A 42 -30.23 -17.95 1.98
C TRP A 42 -29.90 -17.47 0.57
N SER A 43 -30.70 -16.54 0.06
CA SER A 43 -30.53 -16.02 -1.29
C SER A 43 -29.31 -15.12 -1.46
N GLY A 44 -28.74 -14.68 -0.34
CA GLY A 44 -27.65 -13.70 -0.37
C GLY A 44 -28.15 -12.26 -0.41
N GLU A 45 -29.47 -12.09 -0.38
CA GLU A 45 -30.10 -10.77 -0.46
C GLU A 45 -30.60 -10.29 0.91
N THR A 46 -30.52 -8.99 1.14
CA THR A 46 -31.10 -8.37 2.33
C THR A 46 -32.44 -7.75 1.96
N GLY A 47 -33.32 -7.61 2.94
CA GLY A 47 -34.58 -6.90 2.75
C GLY A 47 -35.66 -7.70 2.03
N ASN A 48 -36.91 -7.24 2.19
CA ASN A 48 -38.12 -7.87 1.63
C ASN A 48 -38.28 -9.37 1.91
N GLU A 49 -38.09 -9.73 3.18
CA GLU A 49 -38.13 -11.13 3.63
C GLU A 49 -39.49 -11.79 3.43
N ASP A 50 -40.54 -10.98 3.52
CA ASP A 50 -41.91 -11.50 3.54
C ASP A 50 -42.51 -11.69 2.15
N GLN A 51 -41.66 -12.03 1.19
CA GLN A 51 -42.10 -12.52 -0.11
C GLN A 51 -41.96 -14.07 -0.06
N PRO A 52 -42.81 -14.78 -0.82
CA PRO A 52 -42.77 -16.25 -0.85
C PRO A 52 -41.37 -16.80 -1.11
N LEU A 53 -41.13 -18.04 -0.70
CA LEU A 53 -39.91 -18.73 -1.03
C LEU A 53 -39.75 -18.69 -2.56
N LYS A 54 -38.52 -18.41 -3.00
CA LYS A 54 -38.17 -18.42 -4.42
C LYS A 54 -37.68 -19.82 -4.78
N LYS A 55 -38.41 -20.46 -5.70
CA LYS A 55 -38.22 -21.88 -6.03
C LYS A 55 -37.89 -22.07 -7.52
N VAL A 56 -36.90 -22.93 -7.80
CA VAL A 56 -36.65 -23.42 -9.17
C VAL A 56 -36.66 -24.95 -9.24
N LYS A 57 -37.10 -25.52 -10.37
CA LYS A 57 -37.12 -26.97 -10.52
C LYS A 57 -36.60 -27.38 -11.89
N LYS A 58 -35.55 -28.18 -11.88
CA LYS A 58 -34.97 -28.74 -13.09
C LYS A 58 -34.79 -30.25 -12.91
N GLY A 59 -35.50 -31.01 -13.74
CA GLY A 59 -35.52 -32.46 -13.66
C GLY A 59 -35.96 -32.94 -12.29
N ASN A 60 -35.00 -33.45 -11.51
CA ASN A 60 -35.26 -34.02 -10.19
C ASN A 60 -34.96 -33.11 -9.01
N ILE A 61 -34.07 -32.15 -9.21
CA ILE A 61 -33.68 -31.22 -8.16
C ILE A 61 -34.62 -29.99 -8.13
N THR A 62 -34.90 -29.51 -6.91
CA THR A 62 -35.54 -28.22 -6.67
C THR A 62 -34.57 -27.33 -5.88
N TRP A 63 -34.51 -26.05 -6.22
CA TRP A 63 -33.72 -25.08 -5.47
C TRP A 63 -34.68 -24.11 -4.77
N ALA A 64 -34.46 -23.82 -3.49
CA ALA A 64 -35.36 -22.88 -2.81
C ALA A 64 -34.59 -21.89 -1.98
N SER A 65 -34.95 -20.61 -2.07
CA SER A 65 -34.28 -19.57 -1.28
C SER A 65 -35.23 -18.55 -0.66
N PHE A 66 -34.71 -17.88 0.36
CA PHE A 66 -35.41 -16.82 1.08
C PHE A 66 -34.43 -15.67 1.28
N ASN A 67 -34.97 -14.46 1.38
CA ASN A 67 -34.21 -13.30 1.84
C ASN A 67 -34.19 -13.22 3.36
N LEU A 68 -33.22 -12.48 3.90
CA LEU A 68 -33.10 -12.23 5.34
C LEU A 68 -33.19 -10.73 5.60
N SER A 69 -33.76 -10.35 6.74
CA SER A 69 -33.80 -8.96 7.17
C SER A 69 -32.38 -8.50 7.53
N GLU A 70 -32.16 -7.19 7.61
CA GLU A 70 -30.84 -6.64 7.91
C GLU A 70 -30.40 -6.99 9.32
N GLN A 71 -31.32 -6.91 10.28
CA GLN A 71 -31.01 -7.26 11.66
C GLN A 71 -30.58 -8.72 11.78
N ASP A 72 -31.36 -9.62 11.16
CA ASP A 72 -31.06 -11.05 11.22
C ASP A 72 -29.67 -11.33 10.62
N LEU A 73 -29.41 -10.79 9.43
CA LEU A 73 -28.09 -10.89 8.80
C LEU A 73 -26.98 -10.40 9.72
N ASP A 74 -27.18 -9.23 10.31
CA ASP A 74 -26.14 -8.69 11.15
C ASP A 74 -25.80 -9.55 12.36
N GLU A 75 -26.81 -10.09 13.04
CA GLU A 75 -26.57 -10.82 14.28
C GLU A 75 -26.21 -12.27 13.99
N TYR A 76 -26.86 -12.85 12.98
CA TYR A 76 -26.66 -14.24 12.61
C TYR A 76 -25.36 -14.47 11.85
N TYR A 77 -25.22 -13.77 10.73
CA TYR A 77 -24.11 -13.96 9.79
C TYR A 77 -22.89 -13.09 10.10
N ASN A 78 -23.05 -11.78 10.12
CA ASN A 78 -21.93 -10.91 10.43
C ASN A 78 -21.38 -11.07 11.86
N GLN A 79 -22.27 -11.20 12.84
CA GLN A 79 -21.81 -11.17 14.22
C GLN A 79 -21.50 -12.54 14.76
N PHE A 80 -22.51 -13.39 14.92
CA PHE A 80 -22.22 -14.67 15.54
C PHE A 80 -21.37 -15.64 14.69
N SER A 81 -21.77 -15.85 13.44
CA SER A 81 -21.07 -16.73 12.53
C SER A 81 -19.62 -16.26 12.29
N ASN A 82 -19.48 -15.00 11.90
CA ASN A 82 -18.24 -14.50 11.34
C ASN A 82 -17.35 -13.74 12.32
N ALA A 83 -17.90 -13.35 13.46
CA ALA A 83 -17.15 -12.60 14.46
C ALA A 83 -17.06 -13.34 15.80
N VAL A 84 -17.66 -14.53 15.86
CA VAL A 84 -17.51 -15.43 17.00
C VAL A 84 -17.05 -16.82 16.60
N LEU A 85 -17.88 -17.53 15.84
CA LEU A 85 -17.52 -18.89 15.49
C LEU A 85 -16.32 -18.97 14.58
N TRP A 86 -16.27 -18.14 13.53
CA TRP A 86 -15.13 -18.18 12.60
C TRP A 86 -13.78 -17.90 13.32
N PRO A 87 -13.63 -16.78 14.05
CA PRO A 87 -12.36 -16.54 14.79
C PRO A 87 -12.03 -17.63 15.83
N ALA A 88 -13.00 -18.05 16.65
CA ALA A 88 -12.74 -19.13 17.63
C ALA A 88 -12.30 -20.47 17.01
N PHE A 89 -13.04 -20.93 16.00
CA PHE A 89 -12.73 -22.20 15.36
C PHE A 89 -11.41 -22.12 14.55
N HIS A 90 -10.97 -20.91 14.23
CA HIS A 90 -9.63 -20.73 13.70
C HIS A 90 -8.59 -20.27 14.72
N TYR A 91 -8.85 -20.53 16.00
CA TYR A 91 -7.83 -20.29 17.04
C TYR A 91 -7.46 -18.81 17.19
N ARG A 92 -8.47 -17.95 17.07
CA ARG A 92 -8.27 -16.53 17.27
C ARG A 92 -9.29 -16.02 18.30
N LEU A 93 -9.11 -16.43 19.54
CA LEU A 93 -9.92 -15.94 20.65
C LEU A 93 -9.89 -14.43 20.71
N ASP A 94 -8.72 -13.86 20.39
CA ASP A 94 -8.49 -12.41 20.46
C ASP A 94 -9.40 -11.56 19.56
N LEU A 95 -10.04 -12.25 18.62
CA LEU A 95 -10.92 -11.60 17.67
C LEU A 95 -12.40 -11.89 17.95
N VAL A 96 -12.73 -12.80 18.88
CA VAL A 96 -14.19 -12.98 18.91
C VAL A 96 -14.88 -11.87 19.72
N GLN A 97 -16.08 -11.63 19.20
CA GLN A 97 -16.87 -10.51 19.68
C GLN A 97 -18.19 -11.07 20.19
N PHE A 98 -18.12 -11.82 21.30
CA PHE A 98 -19.33 -12.35 21.91
C PHE A 98 -20.21 -11.27 22.53
N GLN A 99 -21.45 -11.25 22.09
CA GLN A 99 -22.46 -10.40 22.70
C GLN A 99 -23.78 -11.19 22.66
N ARG A 100 -24.60 -11.05 23.71
CA ARG A 100 -25.83 -11.84 23.81
C ARG A 100 -26.80 -11.67 22.63
N PRO A 101 -27.04 -10.44 22.17
CA PRO A 101 -27.96 -10.23 21.05
C PRO A 101 -27.54 -10.98 19.80
N ALA A 102 -26.22 -11.09 19.58
CA ALA A 102 -25.70 -11.83 18.46
C ALA A 102 -26.07 -13.31 18.58
N TRP A 103 -25.84 -13.88 19.76
CA TRP A 103 -26.17 -15.26 20.04
C TRP A 103 -27.71 -15.50 19.87
N ASP A 104 -28.53 -14.58 20.36
CA ASP A 104 -29.98 -14.69 20.19
C ASP A 104 -30.41 -14.62 18.73
N GLY A 105 -29.84 -13.69 17.97
CA GLY A 105 -30.05 -13.64 16.53
C GLY A 105 -29.67 -14.92 15.80
N TYR A 106 -28.57 -15.53 16.22
CA TYR A 106 -28.07 -16.77 15.63
C TYR A 106 -29.10 -17.90 15.84
N LEU A 107 -29.66 -18.01 17.03
CA LEU A 107 -30.73 -18.98 17.29
C LEU A 107 -32.00 -18.65 16.52
N ARG A 108 -32.29 -17.36 16.41
CA ARG A 108 -33.53 -16.89 15.76
C ARG A 108 -33.55 -17.29 14.29
N VAL A 109 -32.46 -17.01 13.59
CA VAL A 109 -32.38 -17.33 12.17
C VAL A 109 -32.43 -18.84 11.92
N ASN A 110 -31.77 -19.62 12.77
CA ASN A 110 -31.82 -21.08 12.65
C ASN A 110 -33.27 -21.57 12.82
N ALA A 111 -33.99 -21.04 13.83
CA ALA A 111 -35.40 -21.36 14.06
C ALA A 111 -36.24 -20.95 12.85
N LEU A 112 -35.98 -19.75 12.32
CA LEU A 112 -36.63 -19.23 11.12
C LEU A 112 -36.48 -20.15 9.89
N LEU A 113 -35.25 -20.56 9.65
CA LEU A 113 -34.90 -21.47 8.56
C LEU A 113 -35.61 -22.81 8.71
N ALA A 114 -35.67 -23.31 9.94
CA ALA A 114 -36.33 -24.56 10.25
C ALA A 114 -37.82 -24.44 9.97
N ASP A 115 -38.40 -23.30 10.32
CA ASP A 115 -39.83 -23.04 10.09
C ASP A 115 -40.20 -23.00 8.59
N LYS A 116 -39.38 -22.30 7.82
CA LYS A 116 -39.48 -22.23 6.35
C LYS A 116 -39.32 -23.60 5.69
N LEU A 117 -38.46 -24.42 6.27
CA LEU A 117 -38.11 -25.69 5.69
C LEU A 117 -39.14 -26.77 5.97
N LEU A 118 -39.72 -26.78 7.17
CA LEU A 118 -40.64 -27.85 7.59
C LEU A 118 -41.71 -28.29 6.53
N PRO A 119 -42.49 -27.39 5.92
CA PRO A 119 -43.59 -27.82 5.03
C PRO A 119 -43.09 -28.51 3.76
N LEU A 120 -41.81 -28.33 3.47
CA LEU A 120 -41.16 -28.82 2.28
C LEU A 120 -40.61 -30.24 2.46
N LEU A 121 -40.71 -30.77 3.68
CA LEU A 121 -40.11 -32.06 4.01
C LEU A 121 -41.07 -33.23 3.77
N GLN A 122 -40.50 -34.41 3.53
CA GLN A 122 -41.26 -35.64 3.40
C GLN A 122 -40.71 -36.66 4.39
N ASP A 123 -41.56 -37.59 4.82
CA ASP A 123 -41.16 -38.55 5.85
C ASP A 123 -39.85 -39.31 5.57
N ASP A 124 -39.60 -39.69 4.33
CA ASP A 124 -38.41 -40.49 3.97
C ASP A 124 -37.15 -39.68 3.60
N ASP A 125 -37.26 -38.36 3.51
CA ASP A 125 -36.09 -37.50 3.24
C ASP A 125 -34.86 -37.83 4.11
N ILE A 126 -33.68 -37.83 3.49
CA ILE A 126 -32.42 -37.71 4.25
C ILE A 126 -31.99 -36.24 4.16
N ILE A 127 -31.49 -35.71 5.26
CA ILE A 127 -31.24 -34.27 5.35
C ILE A 127 -29.77 -34.06 5.64
N TRP A 128 -29.12 -33.24 4.82
CA TRP A 128 -27.67 -32.91 4.93
C TRP A 128 -27.47 -31.43 5.17
N ILE A 129 -26.96 -31.07 6.34
CA ILE A 129 -26.74 -29.66 6.70
C ILE A 129 -25.25 -29.33 6.68
N HIS A 130 -24.91 -28.15 6.14
CA HIS A 130 -23.52 -27.72 5.98
C HIS A 130 -23.13 -26.51 6.80
N ASP A 131 -22.12 -26.71 7.64
CA ASP A 131 -21.25 -25.63 8.12
C ASP A 131 -21.71 -24.86 9.36
N TYR A 132 -20.79 -24.07 9.90
CA TYR A 132 -20.89 -23.52 11.26
C TYR A 132 -22.05 -22.53 11.42
N HIS A 133 -22.66 -22.08 10.31
CA HIS A 133 -23.85 -21.22 10.43
C HIS A 133 -25.06 -21.96 11.02
N LEU A 134 -25.02 -23.29 10.94
CA LEU A 134 -26.19 -24.09 11.21
C LEU A 134 -25.90 -25.17 12.24
N LEU A 135 -25.00 -24.88 13.18
CA LEU A 135 -24.78 -25.78 14.32
C LEU A 135 -26.05 -26.17 15.09
N PRO A 136 -26.99 -25.22 15.31
CA PRO A 136 -28.21 -25.55 16.06
C PRO A 136 -29.35 -26.13 15.20
N PHE A 137 -29.08 -26.38 13.94
CA PHE A 137 -30.20 -26.60 13.03
C PHE A 137 -30.90 -27.96 13.27
N ALA A 138 -30.12 -29.03 13.53
CA ALA A 138 -30.72 -30.34 13.80
C ALA A 138 -31.68 -30.23 14.98
N HIS A 139 -31.24 -29.51 16.01
CA HIS A 139 -32.00 -29.30 17.22
C HIS A 139 -33.34 -28.60 16.91
N GLU A 140 -33.29 -27.53 16.13
CA GLU A 140 -34.50 -26.84 15.72
C GLU A 140 -35.43 -27.79 14.95
N LEU A 141 -34.85 -28.71 14.19
CA LEU A 141 -35.67 -29.65 13.43
C LEU A 141 -36.37 -30.66 14.35
N ARG A 142 -35.62 -31.20 15.31
CA ARG A 142 -36.12 -32.16 16.29
C ARG A 142 -37.26 -31.55 17.08
N LYS A 143 -37.08 -30.32 17.55
CA LYS A 143 -38.17 -29.73 18.33
C LYS A 143 -39.44 -29.50 17.49
N ARG A 144 -39.32 -29.56 16.17
CA ARG A 144 -40.49 -29.39 15.29
C ARG A 144 -41.08 -30.75 14.82
N GLY A 145 -40.59 -31.84 15.42
CA GLY A 145 -41.12 -33.18 15.18
C GLY A 145 -40.48 -33.93 14.03
N VAL A 146 -39.30 -33.49 13.57
CA VAL A 146 -38.64 -34.24 12.50
C VAL A 146 -37.68 -35.33 12.99
N ASN A 147 -38.02 -36.55 12.62
CA ASN A 147 -37.33 -37.74 13.07
C ASN A 147 -36.30 -38.26 12.04
N ASN A 148 -36.25 -37.61 10.88
CA ASN A 148 -35.48 -38.03 9.72
C ASN A 148 -34.00 -38.22 10.09
N ARG A 149 -33.28 -38.96 9.27
CA ARG A 149 -31.83 -38.98 9.35
C ARG A 149 -31.32 -37.58 9.02
N ILE A 150 -30.52 -36.98 9.90
CA ILE A 150 -29.90 -35.69 9.60
C ILE A 150 -28.37 -35.76 9.80
N GLY A 151 -27.62 -35.40 8.77
CA GLY A 151 -26.15 -35.33 8.91
C GLY A 151 -25.68 -33.88 8.83
N PHE A 152 -24.55 -33.61 9.47
CA PHE A 152 -23.91 -32.30 9.42
C PHE A 152 -22.49 -32.49 8.90
N PHE A 153 -21.99 -31.54 8.12
CA PHE A 153 -20.57 -31.48 7.76
C PHE A 153 -20.01 -30.11 8.17
N LEU A 154 -18.96 -30.14 8.96
CA LEU A 154 -18.21 -28.94 9.34
C LEU A 154 -17.07 -28.75 8.34
N HIS A 155 -17.05 -27.61 7.63
CA HIS A 155 -16.07 -27.39 6.59
C HIS A 155 -14.77 -26.77 7.16
N ILE A 156 -14.82 -26.34 8.40
CA ILE A 156 -13.69 -25.63 9.04
C ILE A 156 -13.19 -26.48 10.19
N PRO A 157 -12.08 -26.09 10.83
CA PRO A 157 -11.54 -26.89 11.94
C PRO A 157 -12.48 -26.80 13.17
N PHE A 158 -12.45 -27.82 14.02
CA PHE A 158 -13.12 -27.78 15.30
C PHE A 158 -12.01 -27.64 16.30
N PRO A 159 -12.01 -26.58 17.12
CA PRO A 159 -10.90 -26.29 18.04
C PRO A 159 -10.87 -27.16 19.31
N THR A 160 -9.67 -27.38 19.87
CA THR A 160 -9.47 -28.03 21.16
C THR A 160 -10.26 -27.38 22.30
N PRO A 161 -10.52 -28.12 23.39
CA PRO A 161 -11.23 -27.59 24.57
C PRO A 161 -10.71 -26.26 25.14
N GLU A 162 -9.40 -26.08 25.16
CA GLU A 162 -8.84 -24.87 25.77
C GLU A 162 -9.24 -23.63 24.99
N ILE A 163 -9.57 -23.80 23.70
CA ILE A 163 -10.09 -22.71 22.88
C ILE A 163 -11.62 -22.77 22.79
N PHE A 164 -12.15 -23.94 22.46
CA PHE A 164 -13.61 -24.04 22.35
C PHE A 164 -14.29 -23.58 23.62
N ASN A 165 -13.75 -23.95 24.79
CA ASN A 165 -14.49 -23.74 26.03
C ASN A 165 -14.54 -22.29 26.47
N ALA A 166 -13.84 -21.43 25.74
CA ALA A 166 -13.93 -20.00 25.99
C ALA A 166 -15.24 -19.37 25.47
N LEU A 167 -15.88 -20.04 24.51
CA LEU A 167 -17.17 -19.54 23.99
C LEU A 167 -18.16 -19.62 25.12
N PRO A 168 -18.76 -18.49 25.50
CA PRO A 168 -19.70 -18.47 26.61
C PRO A 168 -20.83 -19.47 26.40
N THR A 169 -21.04 -19.83 25.15
CA THR A 169 -22.20 -20.58 24.75
C THR A 169 -21.82 -22.02 24.30
N TYR A 170 -20.58 -22.39 24.60
CA TYR A 170 -20.02 -23.68 24.19
C TYR A 170 -20.86 -24.90 24.57
N ASP A 171 -21.45 -24.87 25.77
CA ASP A 171 -22.18 -26.04 26.24
C ASP A 171 -23.48 -26.28 25.46
N THR A 172 -24.20 -25.19 25.20
CA THR A 172 -25.40 -25.24 24.36
C THR A 172 -25.04 -25.73 22.94
N LEU A 173 -23.94 -25.21 22.39
CA LEU A 173 -23.45 -25.68 21.09
C LEU A 173 -23.21 -27.21 21.04
N LEU A 174 -22.56 -27.77 22.07
CA LEU A 174 -22.34 -29.21 22.10
C LEU A 174 -23.63 -30.01 22.25
N GLU A 175 -24.52 -29.55 23.10
CA GLU A 175 -25.78 -30.25 23.32
C GLU A 175 -26.51 -30.35 21.99
N GLN A 176 -26.50 -29.28 21.23
CA GLN A 176 -27.29 -29.22 20.00
C GLN A 176 -26.63 -29.98 18.88
N LEU A 177 -25.30 -29.99 18.82
CA LEU A 177 -24.59 -30.80 17.86
C LEU A 177 -25.01 -32.28 17.95
N CYS A 178 -25.31 -32.75 19.16
CA CYS A 178 -25.62 -34.17 19.36
C CYS A 178 -27.03 -34.50 18.90
N ASP A 179 -27.74 -33.53 18.35
CA ASP A 179 -29.07 -33.84 17.81
C ASP A 179 -29.00 -34.34 16.35
N TYR A 180 -27.85 -34.12 15.71
CA TYR A 180 -27.50 -34.74 14.44
C TYR A 180 -27.32 -36.26 14.63
N ASP A 181 -27.66 -37.04 13.61
CA ASP A 181 -27.40 -38.50 13.67
C ASP A 181 -25.97 -38.76 13.21
N LEU A 182 -25.42 -37.83 12.43
CA LEU A 182 -24.10 -38.00 11.81
C LEU A 182 -23.36 -36.67 11.77
N LEU A 183 -22.12 -36.65 12.25
CA LEU A 183 -21.33 -35.43 12.22
C LEU A 183 -20.02 -35.69 11.50
N GLY A 184 -19.77 -34.91 10.44
CA GLY A 184 -18.64 -35.11 9.55
C GLY A 184 -17.63 -33.99 9.67
N PHE A 185 -16.36 -34.36 9.60
CA PHE A 185 -15.29 -33.38 9.81
C PHE A 185 -14.26 -33.53 8.70
N GLN A 186 -13.44 -32.50 8.50
CA GLN A 186 -12.41 -32.52 7.47
C GLN A 186 -11.21 -33.41 7.80
N THR A 187 -10.84 -33.50 9.08
CA THR A 187 -9.65 -34.28 9.49
C THR A 187 -9.96 -35.04 10.77
N GLU A 188 -9.14 -36.05 11.05
CA GLU A 188 -9.24 -36.78 12.28
C GLU A 188 -9.06 -35.90 13.51
N ASN A 189 -8.14 -34.93 13.47
CA ASN A 189 -7.96 -34.04 14.62
C ASN A 189 -9.21 -33.19 14.93
N ASP A 190 -9.97 -32.79 13.91
CA ASP A 190 -11.21 -32.04 14.17
C ASP A 190 -12.23 -32.91 14.88
N ARG A 191 -12.42 -34.11 14.38
CA ARG A 191 -13.36 -35.05 14.97
C ARG A 191 -12.98 -35.34 16.45
N LEU A 192 -11.68 -35.58 16.69
CA LEU A 192 -11.18 -35.86 18.03
C LEU A 192 -11.40 -34.66 18.92
N ALA A 193 -11.21 -33.46 18.37
CA ALA A 193 -11.34 -32.24 19.16
C ALA A 193 -12.79 -32.05 19.60
N PHE A 194 -13.72 -32.26 18.67
CA PHE A 194 -15.15 -32.25 19.02
C PHE A 194 -15.45 -33.23 20.16
N LEU A 195 -15.02 -34.48 20.04
CA LEU A 195 -15.27 -35.52 21.05
C LEU A 195 -14.61 -35.15 22.36
N ASP A 196 -13.42 -34.59 22.28
CA ASP A 196 -12.71 -34.05 23.45
C ASP A 196 -13.46 -32.95 24.19
N CYS A 197 -13.98 -31.97 23.45
CA CYS A 197 -14.84 -30.96 24.08
C CYS A 197 -16.10 -31.61 24.69
N LEU A 198 -16.75 -32.52 23.96
CA LEU A 198 -17.96 -33.17 24.48
C LEU A 198 -17.67 -33.95 25.77
N SER A 199 -16.57 -34.70 25.76
CA SER A 199 -16.17 -35.54 26.91
C SER A 199 -15.82 -34.73 28.15
N ASN A 200 -15.39 -33.50 27.93
CA ASN A 200 -15.06 -32.63 29.03
C ASN A 200 -16.30 -32.09 29.72
N LEU A 201 -17.41 -32.06 28.98
CA LEU A 201 -18.67 -31.49 29.45
C LEU A 201 -19.63 -32.54 30.02
N THR A 202 -19.64 -33.72 29.40
CA THR A 202 -20.58 -34.77 29.76
C THR A 202 -19.97 -36.16 29.50
N ARG A 203 -20.54 -37.17 30.11
CA ARG A 203 -20.10 -38.55 29.92
C ARG A 203 -20.46 -39.01 28.51
N VAL A 204 -19.46 -39.34 27.70
CA VAL A 204 -19.74 -39.96 26.41
C VAL A 204 -19.32 -41.45 26.31
N THR A 205 -20.23 -42.25 25.76
CA THR A 205 -19.99 -43.65 25.56
C THR A 205 -19.68 -43.86 24.08
N THR A 206 -18.54 -44.50 23.82
CA THR A 206 -18.08 -44.67 22.45
C THR A 206 -17.86 -46.16 22.12
N ARG A 207 -18.30 -46.58 20.94
CA ARG A 207 -18.01 -47.92 20.46
C ARG A 207 -17.30 -47.80 19.13
N SER A 208 -16.24 -48.59 18.96
CA SER A 208 -15.49 -48.61 17.70
C SER A 208 -15.18 -47.21 17.17
N ALA A 209 -14.72 -46.33 18.07
CA ALA A 209 -14.17 -44.99 17.73
C ALA A 209 -15.17 -43.94 17.28
N LYS A 210 -16.20 -44.36 16.55
CA LYS A 210 -17.01 -43.42 15.75
C LYS A 210 -18.52 -43.46 16.01
N SER A 211 -18.93 -44.27 16.98
CA SER A 211 -20.34 -44.42 17.35
C SER A 211 -20.53 -44.04 18.82
N HIS A 212 -21.43 -43.10 19.10
CA HIS A 212 -21.45 -42.46 20.42
C HIS A 212 -22.82 -42.29 20.99
N THR A 213 -22.84 -42.07 22.30
CA THR A 213 -24.02 -41.64 23.02
C THR A 213 -23.56 -40.55 23.98
N ALA A 214 -24.28 -39.43 24.00
CA ALA A 214 -24.15 -38.42 25.06
C ALA A 214 -25.54 -37.90 25.44
N TRP A 215 -25.79 -37.72 26.74
CA TRP A 215 -27.12 -37.39 27.27
C TRP A 215 -28.21 -38.36 26.73
N GLY A 216 -27.83 -39.61 26.50
CA GLY A 216 -28.77 -40.57 25.92
C GLY A 216 -29.03 -40.45 24.42
N LYS A 217 -28.39 -39.46 23.79
CA LYS A 217 -28.52 -39.24 22.36
C LYS A 217 -27.44 -39.99 21.56
N ALA A 218 -27.87 -40.78 20.58
CA ALA A 218 -26.95 -41.54 19.73
C ALA A 218 -26.60 -40.78 18.46
N PHE A 219 -25.30 -40.82 18.12
CA PHE A 219 -24.80 -40.14 16.93
C PHE A 219 -23.48 -40.80 16.51
N ARG A 220 -23.12 -40.64 15.24
CA ARG A 220 -21.84 -41.14 14.76
C ARG A 220 -20.95 -39.98 14.38
N THR A 221 -19.64 -40.19 14.39
CA THR A 221 -18.73 -39.21 13.80
C THR A 221 -17.97 -39.84 12.67
N GLU A 222 -17.49 -38.99 11.77
CA GLU A 222 -16.69 -39.48 10.66
C GLU A 222 -15.90 -38.32 10.02
N VAL A 223 -14.84 -38.70 9.33
CA VAL A 223 -13.95 -37.82 8.61
C VAL A 223 -14.17 -37.99 7.11
N TYR A 224 -14.48 -36.88 6.44
CA TYR A 224 -14.63 -36.84 4.98
C TYR A 224 -13.87 -35.61 4.47
N PRO A 225 -12.60 -35.75 4.08
CA PRO A 225 -11.80 -34.60 3.62
C PRO A 225 -12.31 -34.15 2.25
N ILE A 226 -12.83 -32.92 2.14
CA ILE A 226 -13.47 -32.48 0.87
C ILE A 226 -12.42 -32.40 -0.23
N GLY A 227 -12.87 -32.65 -1.46
CA GLY A 227 -11.96 -32.77 -2.59
C GLY A 227 -12.46 -32.08 -3.83
N ILE A 228 -11.91 -32.50 -4.95
CA ILE A 228 -11.99 -31.80 -6.21
C ILE A 228 -12.49 -32.78 -7.27
N GLU A 229 -12.83 -32.25 -8.46
CA GLU A 229 -13.19 -33.03 -9.62
C GLU A 229 -12.00 -33.02 -10.61
N PRO A 230 -11.14 -34.05 -10.56
CA PRO A 230 -9.84 -34.01 -11.29
C PRO A 230 -9.99 -33.92 -12.81
N LYS A 231 -11.01 -34.57 -13.35
CA LYS A 231 -11.27 -34.63 -14.77
C LYS A 231 -11.77 -33.29 -15.30
N GLU A 232 -12.64 -32.63 -14.53
CA GLU A 232 -13.13 -31.31 -14.85
C GLU A 232 -12.04 -30.25 -14.73
N ILE A 233 -11.27 -30.29 -13.65
CA ILE A 233 -10.19 -29.31 -13.45
C ILE A 233 -9.14 -29.41 -14.55
N ALA A 234 -8.76 -30.63 -14.92
CA ALA A 234 -7.75 -30.82 -15.96
C ALA A 234 -8.31 -30.31 -17.31
N LYS A 235 -9.59 -30.54 -17.57
CA LYS A 235 -10.23 -29.98 -18.77
C LYS A 235 -10.19 -28.45 -18.79
N GLN A 236 -10.74 -27.83 -17.74
CA GLN A 236 -10.72 -26.38 -17.63
C GLN A 236 -9.32 -25.83 -17.77
N ALA A 237 -8.37 -26.45 -17.08
CA ALA A 237 -7.00 -25.98 -17.00
C ALA A 237 -6.23 -26.05 -18.32
N ALA A 238 -6.55 -27.04 -19.15
CA ALA A 238 -5.91 -27.23 -20.44
C ALA A 238 -6.53 -26.39 -21.57
N GLY A 239 -7.70 -25.79 -21.32
CA GLY A 239 -8.35 -24.93 -22.31
C GLY A 239 -7.60 -23.62 -22.57
N PRO A 240 -7.77 -23.02 -23.75
CA PRO A 240 -7.10 -21.77 -24.09
C PRO A 240 -7.40 -20.60 -23.14
N LEU A 241 -6.39 -19.78 -22.88
CA LEU A 241 -6.56 -18.59 -22.06
C LEU A 241 -7.34 -17.58 -22.89
N PRO A 242 -8.10 -16.68 -22.25
CA PRO A 242 -8.64 -15.53 -23.00
C PRO A 242 -7.48 -14.85 -23.73
N PRO A 243 -7.72 -14.29 -24.93
CA PRO A 243 -6.67 -13.63 -25.72
C PRO A 243 -5.68 -12.74 -24.93
N LYS A 244 -6.16 -11.90 -24.04
CA LYS A 244 -5.27 -10.98 -23.34
C LYS A 244 -4.35 -11.73 -22.38
N LEU A 245 -4.83 -12.85 -21.88
CA LEU A 245 -4.04 -13.61 -20.93
C LEU A 245 -3.08 -14.58 -21.66
N ALA A 246 -3.50 -15.05 -22.85
CA ALA A 246 -2.63 -15.81 -23.74
C ALA A 246 -1.42 -14.95 -24.10
N GLN A 247 -1.66 -13.69 -24.46
CA GLN A 247 -0.59 -12.70 -24.72
C GLN A 247 0.40 -12.59 -23.55
N LEU A 248 -0.13 -12.47 -22.33
CA LEU A 248 0.69 -12.34 -21.12
C LEU A 248 1.56 -13.54 -20.81
N LYS A 249 0.96 -14.73 -20.90
CA LYS A 249 1.70 -15.97 -20.72
C LYS A 249 2.98 -15.95 -21.58
N ALA A 250 2.82 -15.62 -22.86
CA ALA A 250 3.92 -15.56 -23.83
C ALA A 250 4.99 -14.53 -23.44
N GLU A 251 4.54 -13.39 -22.90
CA GLU A 251 5.46 -12.31 -22.51
C GLU A 251 6.25 -12.66 -21.26
N LEU A 252 5.82 -13.69 -20.54
CA LEU A 252 6.48 -14.12 -19.30
C LEU A 252 7.40 -15.34 -19.42
N LYS A 253 7.80 -15.69 -20.64
CA LYS A 253 8.62 -16.88 -20.93
C LYS A 253 9.81 -17.10 -19.98
N ASN A 254 10.56 -16.05 -19.69
CA ASN A 254 11.68 -16.21 -18.76
C ASN A 254 11.37 -15.59 -17.38
N VAL A 255 10.10 -15.67 -16.97
CA VAL A 255 9.72 -15.27 -15.63
C VAL A 255 9.04 -16.44 -14.94
N GLN A 256 9.53 -16.76 -13.75
CA GLN A 256 8.88 -17.78 -12.95
C GLN A 256 7.77 -17.14 -12.14
N ASN A 257 6.60 -17.75 -12.20
CA ASN A 257 5.44 -17.23 -11.48
C ASN A 257 5.18 -18.01 -10.21
N ILE A 258 5.03 -17.30 -9.10
CA ILE A 258 4.60 -17.87 -7.84
C ILE A 258 3.19 -17.33 -7.68
N PHE A 259 2.26 -18.21 -7.38
CA PHE A 259 0.86 -17.79 -7.41
C PHE A 259 0.08 -18.23 -6.18
N SER A 260 -0.75 -17.34 -5.67
CA SER A 260 -1.67 -17.67 -4.59
C SER A 260 -3.04 -17.05 -4.83
N VAL A 261 -4.09 -17.75 -4.40
CA VAL A 261 -5.45 -17.21 -4.41
C VAL A 261 -6.24 -17.74 -3.22
N GLU A 262 -6.96 -16.82 -2.57
CA GLU A 262 -7.95 -17.19 -1.55
C GLU A 262 -8.81 -15.98 -1.24
N ARG A 263 -9.91 -16.22 -0.55
CA ARG A 263 -10.62 -15.11 0.09
C ARG A 263 -9.63 -14.36 0.99
N LEU A 264 -9.77 -13.04 1.05
CA LEU A 264 -8.96 -12.22 1.95
C LEU A 264 -9.38 -12.42 3.42
N ASP A 265 -8.86 -13.48 4.03
CA ASP A 265 -9.25 -13.87 5.38
C ASP A 265 -7.99 -13.92 6.24
N TYR A 266 -8.09 -13.52 7.52
CA TYR A 266 -6.98 -13.67 8.47
C TYR A 266 -6.58 -15.12 8.76
N SER A 267 -7.44 -16.08 8.45
CA SER A 267 -7.04 -17.49 8.59
C SER A 267 -5.95 -17.89 7.58
N LYS A 268 -5.84 -17.15 6.48
CA LYS A 268 -4.98 -17.53 5.36
C LYS A 268 -3.51 -17.09 5.48
N GLY A 269 -3.18 -16.28 6.48
CA GLY A 269 -1.79 -15.92 6.74
C GLY A 269 -1.11 -15.13 5.63
N LEU A 270 -1.86 -14.19 5.06
CA LEU A 270 -1.41 -13.48 3.88
C LEU A 270 -0.22 -12.53 4.18
N PRO A 271 -0.28 -11.74 5.26
CA PRO A 271 0.87 -10.92 5.68
C PRO A 271 2.12 -11.75 5.95
N GLU A 272 1.97 -12.85 6.69
CA GLU A 272 3.08 -13.74 6.96
C GLU A 272 3.70 -14.28 5.65
N ARG A 273 2.85 -14.51 4.66
CA ARG A 273 3.24 -14.97 3.33
C ARG A 273 4.03 -13.89 2.59
N PHE A 274 3.53 -12.66 2.62
CA PHE A 274 4.24 -11.51 2.04
C PHE A 274 5.63 -11.38 2.69
N LEU A 275 5.70 -11.58 4.00
CA LEU A 275 6.95 -11.48 4.76
C LEU A 275 7.96 -12.55 4.34
N ALA A 276 7.44 -13.74 4.06
CA ALA A 276 8.23 -14.83 3.51
C ALA A 276 8.72 -14.49 2.09
N TYR A 277 7.87 -13.86 1.28
CA TYR A 277 8.31 -13.43 -0.05
C TYR A 277 9.39 -12.37 0.06
N GLU A 278 9.23 -11.48 1.02
CA GLU A 278 10.26 -10.48 1.34
C GLU A 278 11.59 -11.14 1.68
N ALA A 279 11.51 -12.14 2.54
CA ALA A 279 12.65 -12.93 2.96
C ALA A 279 13.32 -13.66 1.78
N LEU A 280 12.53 -14.12 0.82
CA LEU A 280 13.09 -14.74 -0.37
C LEU A 280 13.90 -13.70 -1.16
N LEU A 281 13.30 -12.52 -1.36
CA LEU A 281 13.92 -11.41 -2.08
C LEU A 281 15.20 -10.91 -1.39
N GLU A 282 15.16 -10.87 -0.07
CA GLU A 282 16.31 -10.42 0.73
C GLU A 282 17.48 -11.39 0.71
N LYS A 283 17.19 -12.68 0.87
CA LYS A 283 18.26 -13.67 1.08
C LYS A 283 18.60 -14.49 -0.17
N TYR A 284 17.75 -14.37 -1.21
CA TYR A 284 18.03 -15.01 -2.51
C TYR A 284 17.95 -13.99 -3.66
N PRO A 285 18.87 -13.03 -3.73
CA PRO A 285 18.79 -11.90 -4.69
C PRO A 285 18.90 -12.30 -6.18
N GLN A 286 19.39 -13.51 -6.38
CA GLN A 286 19.59 -14.06 -7.71
C GLN A 286 18.25 -14.26 -8.43
N HIS A 287 17.14 -14.17 -7.69
CA HIS A 287 15.81 -14.26 -8.30
C HIS A 287 15.28 -12.89 -8.73
N HIS A 288 16.01 -11.82 -8.36
CA HIS A 288 15.59 -10.46 -8.68
C HIS A 288 15.39 -10.28 -10.19
N GLY A 289 14.22 -9.77 -10.55
CA GLY A 289 13.92 -9.50 -11.95
C GLY A 289 13.48 -10.74 -12.72
N LYS A 290 13.52 -11.92 -12.08
CA LYS A 290 13.31 -13.19 -12.78
C LYS A 290 12.09 -13.98 -12.26
N ILE A 291 11.49 -13.49 -11.17
CA ILE A 291 10.32 -14.11 -10.59
C ILE A 291 9.22 -13.07 -10.35
N ARG A 292 8.01 -13.55 -10.19
CA ARG A 292 6.90 -12.72 -9.75
C ARG A 292 6.04 -13.53 -8.82
N TYR A 293 5.49 -12.87 -7.81
CA TYR A 293 4.52 -13.43 -6.90
C TYR A 293 3.21 -12.66 -7.12
N THR A 294 2.14 -13.38 -7.47
CA THR A 294 0.80 -12.76 -7.66
C THR A 294 -0.12 -13.33 -6.61
N GLN A 295 -0.82 -12.45 -5.90
CA GLN A 295 -1.74 -12.82 -4.84
C GLN A 295 -3.09 -12.26 -5.21
N ILE A 296 -4.04 -13.15 -5.45
CA ILE A 296 -5.43 -12.76 -5.72
C ILE A 296 -6.17 -13.00 -4.41
N ALA A 297 -6.91 -11.98 -3.95
CA ALA A 297 -7.52 -12.01 -2.63
C ALA A 297 -8.75 -11.12 -2.62
N PRO A 298 -9.87 -11.63 -3.13
CA PRO A 298 -11.11 -10.85 -3.13
C PRO A 298 -11.55 -10.62 -1.69
N THR A 299 -12.14 -9.46 -1.46
CA THR A 299 -12.64 -9.16 -0.13
C THR A 299 -13.78 -10.11 0.22
N SER A 300 -13.77 -10.53 1.48
CA SER A 300 -14.74 -11.45 2.03
C SER A 300 -15.21 -10.83 3.34
N ARG A 301 -16.51 -10.84 3.55
CA ARG A 301 -17.10 -10.43 4.83
C ARG A 301 -16.65 -9.03 5.26
N GLY A 302 -16.72 -8.09 4.32
CA GLY A 302 -16.14 -6.77 4.49
C GLY A 302 -16.85 -5.89 5.51
N ASP A 303 -17.97 -6.38 6.05
CA ASP A 303 -18.71 -5.62 7.04
C ASP A 303 -18.12 -5.80 8.43
N VAL A 304 -17.26 -6.81 8.58
CA VAL A 304 -16.69 -7.24 9.86
C VAL A 304 -15.33 -6.57 10.08
N GLN A 305 -15.14 -5.96 11.25
CA GLN A 305 -13.99 -5.11 11.49
C GLN A 305 -12.65 -5.85 11.29
N ALA A 306 -12.57 -7.08 11.78
CA ALA A 306 -11.35 -7.87 11.70
C ALA A 306 -10.96 -8.14 10.24
N TYR A 307 -11.94 -8.29 9.35
CA TYR A 307 -11.68 -8.43 7.92
C TYR A 307 -11.21 -7.13 7.24
N GLN A 308 -11.79 -5.99 7.62
CA GLN A 308 -11.23 -4.70 7.17
C GLN A 308 -9.79 -4.53 7.68
N ASP A 309 -9.53 -4.98 8.90
CA ASP A 309 -8.21 -4.81 9.50
C ASP A 309 -7.16 -5.58 8.72
N ILE A 310 -7.42 -6.87 8.45
CA ILE A 310 -6.47 -7.70 7.69
C ILE A 310 -6.23 -7.18 6.27
N ARG A 311 -7.29 -6.68 5.63
CA ARG A 311 -7.15 -6.07 4.30
C ARG A 311 -6.23 -4.84 4.32
N HIS A 312 -6.41 -3.96 5.31
CA HIS A 312 -5.56 -2.77 5.41
C HIS A 312 -4.08 -3.17 5.64
N GLN A 313 -3.86 -4.18 6.47
CA GLN A 313 -2.51 -4.69 6.76
C GLN A 313 -1.83 -5.20 5.49
N LEU A 314 -2.57 -6.00 4.71
CA LEU A 314 -2.09 -6.54 3.44
C LEU A 314 -1.76 -5.47 2.39
N GLU A 315 -2.59 -4.44 2.29
CA GLU A 315 -2.34 -3.33 1.35
C GLU A 315 -1.02 -2.67 1.71
N ASN A 316 -0.81 -2.46 3.01
CA ASN A 316 0.41 -1.79 3.47
C ASN A 316 1.64 -2.59 3.12
N GLU A 317 1.57 -3.91 3.31
CA GLU A 317 2.73 -4.76 3.11
C GLU A 317 3.09 -4.89 1.62
N ALA A 318 2.07 -4.92 0.75
CA ALA A 318 2.29 -4.88 -0.70
C ALA A 318 3.03 -3.63 -1.10
N GLY A 319 2.58 -2.48 -0.61
CA GLY A 319 3.20 -1.22 -0.92
C GLY A 319 4.61 -1.11 -0.37
N ARG A 320 4.81 -1.59 0.85
CA ARG A 320 6.14 -1.57 1.48
C ARG A 320 7.11 -2.48 0.73
N ILE A 321 6.70 -3.71 0.42
CA ILE A 321 7.62 -4.66 -0.22
C ILE A 321 8.02 -4.20 -1.62
N ASN A 322 7.03 -3.75 -2.40
CA ASN A 322 7.27 -3.26 -3.73
C ASN A 322 8.04 -1.94 -3.65
N GLY A 323 7.77 -1.16 -2.62
CA GLY A 323 8.49 0.10 -2.43
C GLY A 323 9.97 -0.09 -2.18
N LYS A 324 10.33 -1.23 -1.59
CA LYS A 324 11.70 -1.54 -1.16
C LYS A 324 12.49 -2.40 -2.17
N TYR A 325 11.81 -3.36 -2.80
CA TYR A 325 12.49 -4.28 -3.71
C TYR A 325 12.15 -4.02 -5.16
N GLY A 326 11.17 -3.15 -5.41
CA GLY A 326 10.80 -2.77 -6.75
C GLY A 326 11.87 -2.03 -7.55
N GLN A 327 11.80 -2.17 -8.86
CA GLN A 327 12.68 -1.44 -9.76
C GLN A 327 11.79 -0.75 -10.78
N LEU A 328 12.38 0.15 -11.53
CA LEU A 328 11.66 0.89 -12.56
C LEU A 328 10.88 -0.02 -13.51
N GLY A 329 11.48 -1.16 -13.90
CA GLY A 329 10.82 -2.10 -14.79
C GLY A 329 10.60 -3.50 -14.24
N TRP A 330 10.42 -3.58 -12.92
CA TRP A 330 10.19 -4.86 -12.24
C TRP A 330 9.40 -4.62 -10.98
N THR A 331 8.17 -5.11 -11.00
CA THR A 331 7.35 -5.17 -9.80
C THR A 331 7.40 -6.59 -9.24
N PRO A 332 7.98 -6.76 -8.05
CA PRO A 332 8.06 -8.06 -7.38
C PRO A 332 6.71 -8.70 -7.01
N LEU A 333 5.78 -7.91 -6.51
CA LEU A 333 4.57 -8.46 -5.90
C LEU A 333 3.35 -7.81 -6.54
N TYR A 334 2.49 -8.63 -7.15
CA TYR A 334 1.24 -8.18 -7.73
C TYR A 334 0.10 -8.58 -6.77
N TYR A 335 -0.58 -7.59 -6.23
CA TYR A 335 -1.66 -7.85 -5.32
C TYR A 335 -2.95 -7.38 -5.95
N LEU A 336 -3.92 -8.29 -6.06
CA LEU A 336 -5.22 -7.99 -6.69
C LEU A 336 -6.36 -8.32 -5.73
N ASN A 337 -7.09 -7.28 -5.34
CA ASN A 337 -8.18 -7.40 -4.39
C ASN A 337 -9.45 -7.64 -5.21
N GLN A 338 -9.46 -8.77 -5.91
CA GLN A 338 -10.40 -8.99 -7.00
C GLN A 338 -10.80 -10.46 -7.06
N HIS A 339 -12.01 -10.73 -7.47
CA HIS A 339 -12.44 -12.12 -7.58
C HIS A 339 -12.25 -12.58 -9.03
N PHE A 340 -11.74 -13.79 -9.17
CA PHE A 340 -11.48 -14.38 -10.48
C PHE A 340 -12.36 -15.61 -10.64
N ASP A 341 -12.93 -15.82 -11.83
CA ASP A 341 -13.67 -17.05 -12.11
C ASP A 341 -12.80 -18.31 -11.88
N ARG A 342 -13.40 -19.36 -11.30
CA ARG A 342 -12.70 -20.61 -10.97
C ARG A 342 -12.14 -21.33 -12.22
N LYS A 343 -12.91 -21.33 -13.30
CA LYS A 343 -12.46 -21.96 -14.56
C LYS A 343 -11.20 -21.29 -15.09
N LEU A 344 -11.15 -19.96 -14.99
CA LEU A 344 -9.95 -19.21 -15.34
C LEU A 344 -8.76 -19.50 -14.39
N LEU A 345 -9.02 -19.54 -13.09
CA LEU A 345 -7.97 -19.86 -12.12
C LEU A 345 -7.25 -21.17 -12.44
N MET A 346 -8.01 -22.15 -12.93
CA MET A 346 -7.41 -23.44 -13.27
C MET A 346 -6.36 -23.26 -14.35
N LYS A 347 -6.70 -22.44 -15.36
CA LYS A 347 -5.73 -22.11 -16.42
C LYS A 347 -4.53 -21.38 -15.84
N ILE A 348 -4.77 -20.41 -14.96
CA ILE A 348 -3.64 -19.69 -14.37
C ILE A 348 -2.73 -20.60 -13.51
N PHE A 349 -3.34 -21.48 -12.72
CA PHE A 349 -2.57 -22.51 -11.97
C PHE A 349 -1.64 -23.30 -12.92
N ARG A 350 -2.14 -23.72 -14.08
CA ARG A 350 -1.37 -24.53 -15.02
C ARG A 350 -0.12 -23.82 -15.52
N TYR A 351 -0.17 -22.49 -15.60
CA TYR A 351 0.98 -21.77 -16.15
C TYR A 351 1.88 -21.16 -15.08
N SER A 352 1.51 -21.37 -13.81
CA SER A 352 2.26 -20.93 -12.64
C SER A 352 3.29 -21.96 -12.17
N ASP A 353 4.54 -21.55 -11.99
CA ASP A 353 5.56 -22.53 -11.56
C ASP A 353 5.45 -23.00 -10.13
N VAL A 354 4.90 -22.15 -9.28
CA VAL A 354 4.79 -22.47 -7.87
C VAL A 354 3.41 -22.06 -7.34
N GLY A 355 2.76 -22.97 -6.63
CA GLY A 355 1.52 -22.64 -5.94
C GLY A 355 1.87 -22.47 -4.48
N LEU A 356 1.59 -21.29 -3.93
CA LEU A 356 1.90 -20.96 -2.55
C LEU A 356 0.62 -20.93 -1.73
N VAL A 357 0.41 -21.93 -0.88
CA VAL A 357 -0.83 -22.04 -0.09
C VAL A 357 -0.40 -22.22 1.37
N THR A 358 -0.27 -21.12 2.10
CA THR A 358 0.25 -21.19 3.48
C THR A 358 -0.66 -20.61 4.55
N PRO A 359 -1.89 -21.11 4.67
CA PRO A 359 -2.77 -20.62 5.73
C PRO A 359 -2.27 -20.97 7.12
N LEU A 360 -2.65 -20.13 8.09
CA LEU A 360 -2.35 -20.40 9.49
C LEU A 360 -3.24 -21.52 10.05
N ARG A 361 -4.44 -21.65 9.50
CA ARG A 361 -5.38 -22.66 9.94
C ARG A 361 -6.40 -22.76 8.83
N ASP A 362 -6.63 -23.97 8.32
CA ASP A 362 -7.60 -24.14 7.23
C ASP A 362 -8.24 -25.51 7.36
N GLY A 363 -9.58 -25.56 7.36
CA GLY A 363 -10.27 -26.83 7.42
C GLY A 363 -9.69 -27.83 6.43
N MET A 364 -9.54 -27.43 5.18
CA MET A 364 -8.92 -28.31 4.19
C MET A 364 -8.00 -27.51 3.31
N ASN A 365 -8.66 -26.63 2.54
CA ASN A 365 -8.09 -25.78 1.51
C ASN A 365 -8.13 -26.46 0.16
N LEU A 366 -9.16 -26.11 -0.60
CA LEU A 366 -9.34 -26.67 -1.92
C LEU A 366 -8.35 -26.11 -2.94
N VAL A 367 -7.90 -24.88 -2.75
CA VAL A 367 -6.98 -24.28 -3.70
C VAL A 367 -5.76 -25.17 -3.90
N ALA A 368 -5.32 -25.82 -2.82
CA ALA A 368 -4.12 -26.66 -2.88
C ALA A 368 -4.40 -27.89 -3.76
N LYS A 369 -5.56 -28.51 -3.58
CA LYS A 369 -5.88 -29.65 -4.43
C LYS A 369 -6.09 -29.23 -5.89
N GLU A 370 -6.70 -28.05 -6.10
CA GLU A 370 -6.96 -27.53 -7.46
C GLU A 370 -5.66 -27.28 -8.20
N TYR A 371 -4.71 -26.68 -7.49
CA TYR A 371 -3.43 -26.38 -8.09
C TYR A 371 -2.75 -27.65 -8.63
N VAL A 372 -2.72 -28.74 -7.84
CA VAL A 372 -2.00 -29.81 -8.51
C VAL A 372 -2.88 -30.57 -9.51
N ALA A 373 -4.22 -30.57 -9.42
CA ALA A 373 -5.03 -31.17 -10.48
C ALA A 373 -4.89 -30.41 -11.81
N ALA A 374 -4.72 -29.11 -11.72
CA ALA A 374 -4.57 -28.22 -12.87
C ALA A 374 -3.23 -28.37 -13.60
N GLN A 375 -2.25 -29.02 -12.99
CA GLN A 375 -0.93 -29.10 -13.62
C GLN A 375 -0.91 -30.00 -14.84
N ASP A 376 -0.05 -29.64 -15.82
CA ASP A 376 0.34 -30.54 -16.89
C ASP A 376 1.19 -31.62 -16.24
N PRO A 377 0.76 -32.88 -16.27
CA PRO A 377 1.52 -33.94 -15.60
C PRO A 377 2.92 -34.12 -16.22
N ALA A 378 3.09 -33.66 -17.45
CA ALA A 378 4.38 -33.80 -18.13
C ALA A 378 5.37 -32.66 -17.80
N ASN A 379 4.85 -31.54 -17.26
CA ASN A 379 5.68 -30.44 -16.81
C ASN A 379 5.00 -29.67 -15.65
N PRO A 380 4.93 -30.31 -14.48
CA PRO A 380 4.13 -29.77 -13.38
C PRO A 380 4.87 -28.76 -12.52
N GLY A 381 4.16 -27.75 -12.03
CA GLY A 381 4.68 -26.81 -11.05
C GLY A 381 4.70 -27.40 -9.64
N VAL A 382 5.16 -26.61 -8.68
CA VAL A 382 5.38 -27.11 -7.32
C VAL A 382 4.46 -26.46 -6.31
N LEU A 383 3.84 -27.30 -5.47
CA LEU A 383 3.02 -26.84 -4.35
C LEU A 383 3.86 -26.64 -3.07
N VAL A 384 3.81 -25.41 -2.53
CA VAL A 384 4.33 -25.10 -1.17
C VAL A 384 3.11 -24.96 -0.26
N LEU A 385 3.06 -25.83 0.75
CA LEU A 385 1.83 -26.01 1.55
C LEU A 385 2.13 -25.94 3.04
N SER A 386 1.37 -25.12 3.75
CA SER A 386 1.39 -25.07 5.20
C SER A 386 0.94 -26.37 5.86
N GLN A 387 1.70 -26.81 6.86
CA GLN A 387 1.32 -27.96 7.67
C GLN A 387 0.00 -27.76 8.45
N PHE A 388 -0.52 -26.52 8.47
CA PHE A 388 -1.76 -26.21 9.20
C PHE A 388 -3.03 -26.21 8.34
N ALA A 389 -2.90 -26.50 7.04
CA ALA A 389 -4.04 -26.74 6.17
C ALA A 389 -4.47 -28.21 6.33
N GLY A 390 -5.78 -28.48 6.42
CA GLY A 390 -6.27 -29.84 6.44
C GLY A 390 -5.69 -30.72 5.33
N ALA A 391 -5.45 -30.11 4.16
CA ALA A 391 -4.93 -30.78 2.98
C ALA A 391 -3.58 -31.42 3.16
N ALA A 392 -2.79 -30.88 4.09
CA ALA A 392 -1.44 -31.39 4.36
C ALA A 392 -1.43 -32.81 4.88
N ASN A 393 -2.51 -33.23 5.54
CA ASN A 393 -2.70 -34.66 5.88
C ASN A 393 -2.65 -35.59 4.66
N GLU A 394 -3.19 -35.17 3.53
CA GLU A 394 -3.09 -36.05 2.36
C GLU A 394 -2.01 -35.65 1.30
N LEU A 395 -1.62 -34.37 1.24
CA LEU A 395 -0.67 -33.94 0.20
C LEU A 395 0.74 -33.91 0.76
N THR A 396 1.19 -35.05 1.28
CA THR A 396 2.51 -35.15 1.94
C THR A 396 3.70 -34.95 1.01
N SER A 397 3.50 -35.14 -0.30
CA SER A 397 4.55 -34.89 -1.30
C SER A 397 4.72 -33.39 -1.68
N ALA A 398 3.92 -32.53 -1.09
CA ALA A 398 4.08 -31.10 -1.24
C ALA A 398 5.34 -30.69 -0.50
N LEU A 399 5.84 -29.49 -0.78
CA LEU A 399 6.84 -28.90 0.09
C LEU A 399 6.11 -28.36 1.31
N ILE A 400 6.11 -29.11 2.40
CA ILE A 400 5.31 -28.77 3.57
C ILE A 400 6.11 -27.80 4.44
N VAL A 401 5.48 -26.72 4.92
CA VAL A 401 6.22 -25.65 5.64
C VAL A 401 5.44 -25.14 6.85
N ASN A 402 6.14 -24.47 7.76
CA ASN A 402 5.56 -23.81 8.91
C ASN A 402 5.56 -22.28 8.67
N PRO A 403 4.39 -21.68 8.43
CA PRO A 403 4.37 -20.26 8.08
C PRO A 403 4.84 -19.35 9.21
N TYR A 404 4.98 -19.85 10.44
CA TYR A 404 5.54 -19.03 11.55
C TYR A 404 7.06 -18.87 11.43
N ASP A 405 7.68 -19.62 10.51
CA ASP A 405 9.12 -19.50 10.25
C ASP A 405 9.29 -18.98 8.81
N ARG A 406 9.31 -17.67 8.65
CA ARG A 406 9.33 -17.08 7.32
C ARG A 406 10.54 -17.53 6.47
N ASP A 407 11.66 -17.79 7.15
CA ASP A 407 12.85 -18.28 6.44
C ASP A 407 12.66 -19.70 5.88
N GLU A 408 11.94 -20.56 6.57
CA GLU A 408 11.60 -21.89 6.04
C GLU A 408 10.72 -21.80 4.78
N VAL A 409 9.71 -20.92 4.82
CA VAL A 409 8.82 -20.75 3.67
C VAL A 409 9.65 -20.20 2.48
N ALA A 410 10.52 -19.24 2.75
CA ALA A 410 11.39 -18.66 1.72
C ALA A 410 12.29 -19.74 1.12
N ALA A 411 12.92 -20.56 1.97
CA ALA A 411 13.76 -21.66 1.50
C ALA A 411 12.96 -22.60 0.58
N ALA A 412 11.73 -22.93 0.98
CA ALA A 412 10.89 -23.80 0.18
C ALA A 412 10.52 -23.16 -1.17
N LEU A 413 10.34 -21.84 -1.18
CA LEU A 413 10.09 -21.13 -2.43
C LEU A 413 11.30 -21.22 -3.36
N ASP A 414 12.48 -21.04 -2.79
CA ASP A 414 13.69 -21.17 -3.60
C ASP A 414 13.80 -22.61 -4.16
N ARG A 415 13.65 -23.60 -3.27
CA ARG A 415 13.69 -25.01 -3.64
C ARG A 415 12.68 -25.35 -4.77
N ALA A 416 11.47 -24.82 -4.64
CA ALA A 416 10.45 -25.01 -5.66
C ALA A 416 10.87 -24.40 -6.98
N LEU A 417 11.40 -23.18 -6.95
CA LEU A 417 11.79 -22.47 -8.17
C LEU A 417 12.91 -23.16 -8.95
N THR A 418 13.66 -24.04 -8.29
CA THR A 418 14.83 -24.64 -8.92
C THR A 418 14.73 -26.16 -9.03
N MET A 419 13.56 -26.70 -8.72
CA MET A 419 13.40 -28.14 -8.69
C MET A 419 13.50 -28.73 -10.09
N SER A 420 14.19 -29.86 -10.19
CA SER A 420 14.34 -30.56 -11.47
C SER A 420 13.00 -31.09 -11.95
N LEU A 421 12.88 -31.28 -13.27
CA LEU A 421 11.70 -31.88 -13.86
C LEU A 421 11.34 -33.22 -13.19
N ALA A 422 12.35 -34.07 -13.01
CA ALA A 422 12.15 -35.41 -12.45
C ALA A 422 11.50 -35.35 -11.08
N GLU A 423 11.94 -34.40 -10.26
CA GLU A 423 11.41 -34.34 -8.89
C GLU A 423 10.05 -33.67 -8.88
N ARG A 424 9.85 -32.68 -9.75
CA ARG A 424 8.52 -32.07 -9.88
C ARG A 424 7.46 -33.11 -10.27
N ILE A 425 7.83 -34.00 -11.19
CA ILE A 425 6.91 -35.02 -11.70
C ILE A 425 6.55 -36.00 -10.59
N SER A 426 7.58 -36.49 -9.91
CA SER A 426 7.44 -37.41 -8.78
C SER A 426 6.48 -36.85 -7.74
N ARG A 427 6.80 -35.67 -7.22
CA ARG A 427 5.97 -35.02 -6.20
C ARG A 427 4.57 -34.79 -6.75
N HIS A 428 4.47 -34.30 -7.98
CA HIS A 428 3.14 -34.06 -8.54
C HIS A 428 2.33 -35.34 -8.66
N ALA A 429 2.93 -36.39 -9.23
CA ALA A 429 2.16 -37.62 -9.51
C ALA A 429 1.65 -38.25 -8.22
N GLU A 430 2.45 -38.16 -7.16
CA GLU A 430 2.07 -38.72 -5.86
C GLU A 430 0.90 -37.96 -5.22
N MET A 431 0.95 -36.64 -5.29
CA MET A 431 -0.19 -35.83 -4.87
C MET A 431 -1.45 -36.07 -5.69
N LEU A 432 -1.29 -36.15 -7.01
CA LEU A 432 -2.43 -36.30 -7.91
C LEU A 432 -3.13 -37.63 -7.68
N ASP A 433 -2.34 -38.67 -7.43
CA ASP A 433 -2.90 -39.96 -7.13
C ASP A 433 -3.81 -39.93 -5.88
N VAL A 434 -3.35 -39.29 -4.81
CA VAL A 434 -4.17 -39.10 -3.60
C VAL A 434 -5.49 -38.35 -3.88
N ILE A 435 -5.41 -37.28 -4.66
CA ILE A 435 -6.62 -36.50 -4.88
C ILE A 435 -7.58 -37.12 -5.91
N VAL A 436 -7.06 -38.02 -6.77
CA VAL A 436 -7.93 -38.72 -7.71
C VAL A 436 -8.60 -39.86 -6.96
N LYS A 437 -7.90 -40.44 -5.99
CA LYS A 437 -8.50 -41.54 -5.20
C LYS A 437 -9.51 -41.07 -4.14
N ASN A 438 -9.44 -39.81 -3.70
CA ASN A 438 -10.44 -39.23 -2.80
C ASN A 438 -11.05 -37.99 -3.47
N ASP A 439 -11.94 -38.29 -4.41
CA ASP A 439 -12.69 -37.39 -5.24
C ASP A 439 -13.74 -36.64 -4.49
N ILE A 440 -14.20 -35.52 -5.06
CA ILE A 440 -15.43 -34.88 -4.61
C ILE A 440 -16.65 -35.84 -4.74
N ASN A 441 -16.75 -36.58 -5.84
CA ASN A 441 -17.72 -37.68 -5.94
C ASN A 441 -17.61 -38.69 -4.78
N HIS A 442 -16.38 -39.12 -4.48
CA HIS A 442 -16.13 -40.07 -3.37
C HIS A 442 -16.56 -39.45 -2.07
N TRP A 443 -16.31 -38.15 -1.92
CA TRP A 443 -16.63 -37.41 -0.70
C TRP A 443 -18.16 -37.39 -0.46
N GLN A 444 -18.95 -37.01 -1.46
CA GLN A 444 -20.41 -36.97 -1.29
C GLN A 444 -21.01 -38.40 -1.19
N GLU A 445 -20.51 -39.34 -1.99
CA GLU A 445 -20.95 -40.74 -1.92
C GLU A 445 -20.72 -41.33 -0.52
N CYS A 446 -19.54 -41.11 0.09
CA CYS A 446 -19.31 -41.61 1.45
C CYS A 446 -20.27 -41.01 2.48
N PHE A 447 -20.44 -39.69 2.43
CA PHE A 447 -21.34 -39.00 3.33
C PHE A 447 -22.79 -39.51 3.21
N ILE A 448 -23.28 -39.59 1.98
CA ILE A 448 -24.67 -40.00 1.74
C ILE A 448 -24.81 -41.47 2.16
N SER A 449 -23.84 -42.32 1.78
CA SER A 449 -23.89 -43.75 2.16
C SER A 449 -23.97 -43.89 3.68
N ASP A 450 -23.15 -43.14 4.40
CA ASP A 450 -23.14 -43.21 5.87
C ASP A 450 -24.48 -42.69 6.44
N LEU A 451 -25.00 -41.62 5.86
CA LEU A 451 -26.26 -41.04 6.34
C LEU A 451 -27.42 -42.01 6.18
N LYS A 452 -27.42 -42.77 5.07
CA LYS A 452 -28.52 -43.67 4.76
C LYS A 452 -28.54 -44.83 5.74
N GLN A 453 -27.36 -45.09 6.33
CA GLN A 453 -27.22 -46.20 7.28
C GLN A 453 -27.84 -45.94 8.65
N ILE A 454 -28.10 -44.69 9.03
CA ILE A 454 -28.55 -44.54 10.40
C ILE A 454 -30.03 -44.93 10.49
N VAL A 455 -30.37 -45.64 11.56
CA VAL A 455 -31.75 -46.00 11.83
C VAL A 455 -32.38 -44.78 12.48
N PRO A 456 -33.38 -44.17 11.83
CA PRO A 456 -33.99 -42.94 12.34
C PRO A 456 -34.70 -43.16 13.65
N ARG A 457 -34.64 -42.16 14.53
CA ARG A 457 -35.38 -42.17 15.80
C ARG A 457 -36.89 -42.31 15.57
N SER B 2 36.61 42.08 -4.65
CA SER B 2 35.53 42.32 -3.67
C SER B 2 34.90 40.98 -3.20
N ARG B 3 35.48 40.44 -2.10
CA ARG B 3 35.16 39.12 -1.59
C ARG B 3 33.68 38.79 -1.37
N LEU B 4 33.34 37.54 -1.63
CA LEU B 4 32.03 37.05 -1.33
C LEU B 4 32.14 36.00 -0.22
N VAL B 5 31.37 36.21 0.84
CA VAL B 5 31.23 35.20 1.87
C VAL B 5 29.81 34.67 1.81
N VAL B 6 29.68 33.37 1.55
CA VAL B 6 28.37 32.73 1.50
C VAL B 6 28.23 31.86 2.74
N VAL B 7 27.09 32.00 3.43
CA VAL B 7 26.88 30.88 4.36
C VAL B 7 25.47 30.28 4.25
N SER B 8 25.55 28.96 4.39
CA SER B 8 24.43 28.06 4.17
C SER B 8 24.57 26.88 5.10
N ASN B 9 23.43 26.30 5.47
CA ASN B 9 23.45 25.08 6.24
C ASN B 9 24.32 23.85 6.20
N ARG B 10 24.53 23.34 4.98
CA ARG B 10 25.25 22.10 4.74
C ARG B 10 26.04 22.68 3.55
N ILE B 11 27.21 22.09 3.28
CA ILE B 11 28.18 22.61 2.31
C ILE B 11 28.60 21.53 1.27
N ALA B 12 29.76 21.71 0.61
CA ALA B 12 30.29 20.74 -0.35
C ALA B 12 31.73 21.07 -0.81
N PRO B 13 32.72 20.35 -0.27
CA PRO B 13 34.15 20.61 -0.56
C PRO B 13 34.55 20.42 -2.03
N ALA B 21 26.37 17.46 -9.52
CA ALA B 21 26.69 18.43 -8.48
C ALA B 21 25.46 18.83 -7.65
N GLY B 22 24.49 19.48 -8.29
CA GLY B 22 23.31 20.00 -7.60
C GLY B 22 22.72 21.17 -8.38
N GLY B 23 22.14 22.13 -7.65
CA GLY B 23 21.41 23.25 -8.24
C GLY B 23 21.70 24.59 -7.57
N LEU B 24 21.34 24.74 -6.31
CA LEU B 24 21.76 25.92 -5.53
C LEU B 24 23.29 26.00 -5.49
N ALA B 25 23.92 24.85 -5.29
CA ALA B 25 25.37 24.76 -5.19
C ALA B 25 26.11 25.29 -6.43
N VAL B 26 25.54 25.08 -7.62
CA VAL B 26 26.15 25.64 -8.83
C VAL B 26 26.03 27.15 -8.87
N GLY B 27 24.96 27.69 -8.28
CA GLY B 27 24.79 29.12 -8.13
C GLY B 27 25.75 29.77 -7.14
N ILE B 28 25.92 29.15 -5.97
CA ILE B 28 26.88 29.60 -4.97
C ILE B 28 28.31 29.51 -5.52
N LEU B 29 28.62 28.40 -6.17
CA LEU B 29 29.96 28.22 -6.74
C LEU B 29 30.24 29.23 -7.84
N GLY B 30 29.24 29.47 -8.69
CA GLY B 30 29.35 30.45 -9.74
C GLY B 30 29.59 31.84 -9.20
N ALA B 31 28.92 32.19 -8.10
CA ALA B 31 29.10 33.48 -7.46
C ALA B 31 30.47 33.60 -6.81
N LEU B 32 30.96 32.48 -6.23
CA LEU B 32 32.27 32.42 -5.60
C LEU B 32 33.41 32.40 -6.65
N LYS B 33 33.21 31.70 -7.76
CA LYS B 33 34.18 31.68 -8.87
C LYS B 33 34.44 33.06 -9.51
N ALA B 34 33.42 33.92 -9.49
CA ALA B 34 33.52 35.27 -10.03
C ALA B 34 34.26 36.22 -9.10
N ALA B 35 33.83 36.24 -7.85
CA ALA B 35 34.36 37.17 -6.86
C ALA B 35 35.62 36.64 -6.17
N GLY B 36 35.68 35.32 -6.04
CA GLY B 36 36.58 34.70 -5.07
C GLY B 36 35.92 34.81 -3.71
N GLY B 37 36.30 33.95 -2.79
CA GLY B 37 35.79 34.10 -1.44
C GLY B 37 35.75 32.86 -0.60
N LEU B 38 34.72 32.79 0.24
CA LEU B 38 34.62 31.76 1.24
C LEU B 38 33.20 31.28 1.37
N TRP B 39 33.06 29.95 1.42
CA TRP B 39 31.80 29.31 1.71
C TRP B 39 31.99 28.71 3.08
N PHE B 40 31.05 29.03 3.96
CA PHE B 40 31.10 28.73 5.38
C PHE B 40 29.81 28.04 5.74
N GLY B 41 29.91 26.86 6.35
CA GLY B 41 28.73 26.06 6.63
C GLY B 41 28.90 24.83 7.50
N TRP B 42 27.76 24.30 7.91
CA TRP B 42 27.62 23.23 8.88
C TRP B 42 27.85 21.84 8.25
N SER B 43 28.00 20.81 9.09
CA SER B 43 28.03 19.41 8.63
C SER B 43 27.80 18.42 9.79
N GLY B 44 26.66 17.74 9.74
CA GLY B 44 26.03 16.86 10.81
C GLY B 44 26.93 15.80 11.57
N GLU B 45 26.64 15.72 12.89
CA GLU B 45 26.65 14.62 13.56
C GLU B 45 26.48 14.81 15.26
N THR B 46 27.51 14.94 16.11
CA THR B 46 28.92 15.24 15.83
C THR B 46 29.97 14.25 15.31
N GLY B 47 30.96 14.79 14.59
CA GLY B 47 32.20 14.11 14.30
C GLY B 47 33.20 14.45 15.40
N ASN B 48 33.34 15.75 15.66
CA ASN B 48 34.15 16.28 16.78
C ASN B 48 33.55 17.59 17.28
N GLU B 49 33.02 17.60 18.50
CA GLU B 49 32.29 18.76 19.02
C GLU B 49 33.19 19.99 19.13
N ASP B 50 34.32 19.84 19.84
CA ASP B 50 35.27 20.91 20.06
C ASP B 50 36.54 20.71 19.21
N GLN B 51 36.45 21.13 17.95
CA GLN B 51 37.55 21.02 17.02
C GLN B 51 37.65 22.28 16.16
N PRO B 52 38.86 22.64 15.74
CA PRO B 52 39.06 23.73 14.78
C PRO B 52 38.30 23.50 13.45
N LEU B 53 37.79 24.60 12.90
CA LEU B 53 37.07 24.59 11.64
C LEU B 53 37.92 24.08 10.45
N LYS B 54 37.24 23.50 9.46
CA LYS B 54 37.93 22.86 8.31
C LYS B 54 38.22 23.86 7.18
N LYS B 55 39.48 24.31 7.10
CA LYS B 55 39.87 25.35 6.13
C LYS B 55 40.54 24.74 4.89
N VAL B 56 39.73 24.37 3.91
CA VAL B 56 40.22 23.73 2.67
C VAL B 56 40.13 24.66 1.44
N LYS B 57 41.27 24.84 0.76
CA LYS B 57 41.42 25.88 -0.27
C LYS B 57 41.67 25.32 -1.67
N LYS B 58 40.85 25.77 -2.62
CA LYS B 58 40.98 25.43 -4.04
C LYS B 58 41.93 26.41 -4.76
N GLY B 59 41.46 27.63 -4.98
CA GLY B 59 42.23 28.68 -5.62
C GLY B 59 41.69 30.05 -5.26
N ASN B 60 40.44 30.30 -5.68
CA ASN B 60 39.69 31.51 -5.33
C ASN B 60 38.76 31.32 -4.11
N ILE B 61 38.30 30.08 -3.93
CA ILE B 61 37.39 29.70 -2.85
C ILE B 61 38.18 28.97 -1.73
N THR B 62 37.78 29.18 -0.46
CA THR B 62 38.58 28.70 0.67
C THR B 62 37.90 27.68 1.62
N TRP B 63 36.57 27.51 1.48
CA TRP B 63 35.76 26.45 2.14
C TRP B 63 36.07 26.22 3.64
N ALA B 64 35.10 26.50 4.51
CA ALA B 64 35.26 26.26 5.96
C ALA B 64 34.04 25.57 6.58
N SER B 65 34.26 24.47 7.28
CA SER B 65 33.16 23.74 7.95
C SER B 65 33.39 23.45 9.46
N PHE B 66 32.31 23.09 10.16
CA PHE B 66 32.31 22.99 11.63
C PHE B 66 31.20 22.05 12.11
N ASN B 67 31.36 21.49 13.32
CA ASN B 67 30.34 20.61 13.87
C ASN B 67 29.25 21.27 14.74
N LEU B 68 28.79 20.53 15.76
CA LEU B 68 27.62 20.86 16.58
C LEU B 68 27.38 19.78 17.63
N SER B 69 26.60 20.12 18.65
CA SER B 69 26.14 19.15 19.64
C SER B 69 24.77 18.61 19.27
N GLU B 70 24.52 17.35 19.63
CA GLU B 70 23.22 16.70 19.42
C GLU B 70 22.05 17.42 20.11
N GLN B 71 22.36 18.19 21.16
CA GLN B 71 21.37 19.08 21.82
C GLN B 71 21.08 20.32 20.97
N ASP B 72 22.13 20.91 20.39
CA ASP B 72 21.96 22.03 19.47
C ASP B 72 21.19 21.59 18.22
N LEU B 73 21.59 20.45 17.66
CA LEU B 73 20.91 19.86 16.51
C LEU B 73 19.40 19.72 16.73
N ASP B 74 19.01 19.14 17.87
CA ASP B 74 17.60 18.89 18.13
C ASP B 74 16.74 20.16 18.28
N GLU B 75 17.25 21.15 19.01
CA GLU B 75 16.53 22.42 19.22
C GLU B 75 16.60 23.36 18.02
N TYR B 76 17.80 23.48 17.43
CA TYR B 76 18.07 24.32 16.27
C TYR B 76 17.39 23.82 15.00
N TYR B 77 17.93 22.70 14.51
CA TYR B 77 17.60 22.17 13.21
C TYR B 77 16.38 21.24 13.33
N ASN B 78 16.46 20.24 14.21
CA ASN B 78 15.35 19.31 14.40
C ASN B 78 14.08 19.93 15.02
N GLN B 79 14.21 21.02 15.76
CA GLN B 79 13.03 21.60 16.41
C GLN B 79 12.55 22.92 15.83
N PHE B 80 13.22 24.03 16.14
CA PHE B 80 12.66 25.32 15.71
C PHE B 80 12.54 25.52 14.19
N SER B 81 13.64 25.28 13.49
CA SER B 81 13.67 25.37 12.04
C SER B 81 12.64 24.46 11.38
N ASN B 82 12.57 23.21 11.83
CA ASN B 82 11.86 22.19 11.04
C ASN B 82 10.54 21.78 11.65
N ALA B 83 10.32 22.14 12.91
CA ALA B 83 9.06 21.86 13.59
C ALA B 83 8.20 23.11 13.87
N VAL B 84 8.79 24.29 13.71
CA VAL B 84 8.03 25.55 13.79
C VAL B 84 8.06 26.32 12.47
N LEU B 85 9.27 26.71 12.06
CA LEU B 85 9.45 27.55 10.87
C LEU B 85 8.99 26.87 9.59
N TRP B 86 9.45 25.65 9.31
CA TRP B 86 9.08 24.94 8.08
C TRP B 86 7.56 24.72 7.94
N PRO B 87 6.90 24.13 8.93
CA PRO B 87 5.44 23.96 8.84
C PRO B 87 4.70 25.29 8.75
N ALA B 88 5.06 26.28 9.56
CA ALA B 88 4.39 27.59 9.51
C ALA B 88 4.56 28.26 8.13
N PHE B 89 5.79 28.23 7.61
CA PHE B 89 6.04 28.89 6.36
C PHE B 89 5.35 28.14 5.20
N HIS B 90 5.03 26.87 5.38
CA HIS B 90 4.27 26.14 4.39
C HIS B 90 2.79 26.07 4.73
N TYR B 91 2.28 27.04 5.49
CA TYR B 91 0.83 27.15 5.73
C TYR B 91 0.22 25.96 6.51
N ARG B 92 1.00 25.42 7.44
CA ARG B 92 0.51 24.37 8.31
C ARG B 92 0.80 24.67 9.79
N LEU B 93 0.01 25.60 10.31
CA LEU B 93 0.05 25.97 11.72
C LEU B 93 -0.34 24.79 12.60
N ASP B 94 -1.15 23.87 12.06
CA ASP B 94 -1.58 22.67 12.80
C ASP B 94 -0.43 21.72 13.10
N LEU B 95 0.69 21.93 12.39
CA LEU B 95 1.88 21.09 12.52
C LEU B 95 2.96 21.78 13.32
N VAL B 96 2.81 23.07 13.61
CA VAL B 96 3.79 23.70 14.50
C VAL B 96 3.78 23.17 15.93
N GLN B 97 4.99 22.95 16.42
CA GLN B 97 5.21 22.43 17.75
C GLN B 97 6.23 23.34 18.40
N PHE B 98 5.73 24.46 18.91
CA PHE B 98 6.55 25.46 19.55
C PHE B 98 6.82 25.07 20.98
N GLN B 99 8.09 25.15 21.35
CA GLN B 99 8.54 25.06 22.73
C GLN B 99 9.63 26.09 22.85
N ARG B 100 9.63 26.85 23.94
CA ARG B 100 10.64 27.90 24.12
C ARG B 100 12.10 27.43 24.20
N PRO B 101 12.38 26.30 24.86
CA PRO B 101 13.76 25.76 24.85
C PRO B 101 14.30 25.64 23.41
N ALA B 102 13.42 25.41 22.44
CA ALA B 102 13.87 25.26 21.06
C ALA B 102 14.07 26.61 20.37
N TRP B 103 13.22 27.59 20.68
CA TRP B 103 13.46 28.97 20.26
C TRP B 103 14.81 29.46 20.79
N ASP B 104 15.07 29.19 22.07
CA ASP B 104 16.33 29.61 22.70
C ASP B 104 17.54 28.98 22.00
N GLY B 105 17.44 27.67 21.70
CA GLY B 105 18.51 26.94 21.04
C GLY B 105 18.72 27.42 19.62
N TYR B 106 17.63 27.82 18.97
CA TYR B 106 17.67 28.41 17.64
C TYR B 106 18.51 29.67 17.60
N LEU B 107 18.27 30.56 18.56
CA LEU B 107 19.09 31.76 18.74
C LEU B 107 20.50 31.41 19.18
N ARG B 108 20.63 30.42 20.06
CA ARG B 108 21.97 30.04 20.55
C ARG B 108 22.89 29.69 19.39
N VAL B 109 22.44 28.79 18.51
CA VAL B 109 23.29 28.28 17.44
C VAL B 109 23.56 29.34 16.39
N ASN B 110 22.59 30.23 16.16
CA ASN B 110 22.83 31.34 15.25
C ASN B 110 24.00 32.19 15.78
N ALA B 111 23.96 32.48 17.07
CA ALA B 111 25.02 33.23 17.76
C ALA B 111 26.38 32.51 17.76
N LEU B 112 26.37 31.20 18.00
CA LEU B 112 27.54 30.35 17.87
C LEU B 112 28.10 30.48 16.44
N LEU B 113 27.27 30.18 15.45
CA LEU B 113 27.69 30.21 14.06
C LEU B 113 28.30 31.57 13.71
N ALA B 114 27.69 32.63 14.25
CA ALA B 114 28.19 33.98 14.10
C ALA B 114 29.57 34.17 14.72
N ASP B 115 29.80 33.52 15.87
CA ASP B 115 31.07 33.60 16.60
C ASP B 115 32.24 33.00 15.79
N LYS B 116 31.99 31.87 15.12
CA LYS B 116 33.04 31.20 14.33
C LYS B 116 33.35 31.96 13.03
N LEU B 117 32.32 32.55 12.41
CA LEU B 117 32.44 33.35 11.17
C LEU B 117 33.14 34.68 11.37
N LEU B 118 32.82 35.38 12.46
CA LEU B 118 33.46 36.67 12.77
C LEU B 118 34.97 36.74 12.40
N PRO B 119 35.83 35.86 12.93
CA PRO B 119 37.28 35.93 12.65
C PRO B 119 37.65 35.82 11.16
N LEU B 120 36.82 35.08 10.42
CA LEU B 120 37.05 34.76 9.00
C LEU B 120 36.55 35.88 8.08
N LEU B 121 36.05 36.96 8.72
CA LEU B 121 35.46 38.05 7.95
C LEU B 121 36.48 39.14 7.61
N GLN B 122 36.32 39.81 6.47
CA GLN B 122 37.20 40.90 6.09
C GLN B 122 36.34 42.14 5.86
N ASP B 123 36.96 43.30 6.07
CA ASP B 123 36.26 44.58 6.04
C ASP B 123 35.39 44.79 4.79
N ASP B 124 35.96 44.51 3.61
CA ASP B 124 35.32 44.81 2.33
C ASP B 124 34.47 43.66 1.72
N ASP B 125 34.42 42.54 2.45
CA ASP B 125 33.47 41.44 2.15
C ASP B 125 32.07 41.91 1.82
N ILE B 126 31.44 41.17 0.89
CA ILE B 126 29.99 41.11 0.72
C ILE B 126 29.54 39.75 1.27
N ILE B 127 28.42 39.70 1.99
CA ILE B 127 28.00 38.47 2.68
C ILE B 127 26.59 38.02 2.27
N TRP B 128 26.46 36.71 2.01
CA TRP B 128 25.23 36.13 1.47
C TRP B 128 24.79 34.90 2.29
N ILE B 129 23.64 35.04 2.95
CA ILE B 129 23.16 34.06 3.93
C ILE B 129 21.98 33.32 3.34
N HIS B 130 21.99 32.00 3.45
CA HIS B 130 20.91 31.23 2.87
C HIS B 130 19.93 30.59 3.85
N ASP B 131 18.66 30.93 3.66
CA ASP B 131 17.52 30.15 4.15
C ASP B 131 17.10 30.30 5.62
N TYR B 132 15.93 29.73 5.92
CA TYR B 132 15.21 29.92 7.19
C TYR B 132 15.90 29.48 8.48
N HIS B 133 16.93 28.64 8.42
CA HIS B 133 17.69 28.32 9.65
C HIS B 133 18.47 29.52 10.17
N LEU B 134 18.62 30.54 9.32
CA LEU B 134 19.46 31.68 9.67
C LEU B 134 18.76 33.02 9.59
N LEU B 135 17.42 33.04 9.77
CA LEU B 135 16.72 34.32 9.87
C LEU B 135 17.40 35.34 10.81
N PRO B 136 17.90 34.90 11.98
CA PRO B 136 18.51 35.79 12.96
C PRO B 136 19.98 36.13 12.72
N PHE B 137 20.56 35.60 11.65
CA PHE B 137 22.01 35.65 11.51
C PHE B 137 22.58 37.05 11.33
N ALA B 138 21.90 37.89 10.56
CA ALA B 138 22.41 39.25 10.33
C ALA B 138 22.31 40.11 11.58
N HIS B 139 21.35 39.82 12.45
CA HIS B 139 21.25 40.53 13.73
C HIS B 139 22.46 40.20 14.62
N GLU B 140 22.83 38.92 14.66
CA GLU B 140 23.94 38.46 15.46
C GLU B 140 25.29 39.01 14.93
N LEU B 141 25.35 39.21 13.62
CA LEU B 141 26.51 39.83 12.99
C LEU B 141 26.61 41.32 13.35
N ARG B 142 25.48 42.03 13.31
CA ARG B 142 25.43 43.45 13.72
C ARG B 142 25.84 43.65 15.17
N LYS B 143 25.50 42.69 16.04
CA LYS B 143 25.83 42.75 17.45
C LYS B 143 27.34 42.64 17.70
N ARG B 144 28.07 42.19 16.68
CA ARG B 144 29.50 41.96 16.73
C ARG B 144 30.26 43.03 15.93
N GLY B 145 29.54 44.07 15.52
CA GLY B 145 30.12 45.20 14.81
C GLY B 145 30.25 45.07 13.29
N VAL B 146 29.77 43.97 12.71
CA VAL B 146 30.01 43.93 11.26
C VAL B 146 28.96 44.75 10.49
N ASN B 147 29.58 45.66 9.74
CA ASN B 147 28.87 46.67 8.98
C ASN B 147 28.75 46.37 7.50
N ASN B 148 29.25 45.20 7.10
CA ASN B 148 29.28 44.77 5.69
C ASN B 148 27.90 44.71 5.05
N ARG B 149 27.88 44.76 3.73
CA ARG B 149 26.69 44.44 2.96
C ARG B 149 26.40 42.97 3.20
N ILE B 150 25.20 42.70 3.71
CA ILE B 150 24.72 41.34 3.91
C ILE B 150 23.34 41.19 3.28
N GLY B 151 23.20 40.13 2.50
CA GLY B 151 21.96 39.81 1.85
C GLY B 151 21.48 38.47 2.38
N PHE B 152 20.18 38.25 2.26
CA PHE B 152 19.53 37.02 2.65
C PHE B 152 18.71 36.50 1.48
N PHE B 153 18.77 35.20 1.24
CA PHE B 153 17.80 34.61 0.35
C PHE B 153 16.97 33.54 1.09
N LEU B 154 15.66 33.68 0.98
CA LEU B 154 14.73 32.72 1.57
C LEU B 154 14.33 31.73 0.47
N HIS B 155 14.56 30.44 0.72
CA HIS B 155 14.26 29.43 -0.30
C HIS B 155 12.83 28.92 -0.26
N ILE B 156 12.19 29.06 0.89
CA ILE B 156 10.84 28.55 1.06
C ILE B 156 9.87 29.74 0.98
N PRO B 157 8.55 29.50 1.01
CA PRO B 157 7.59 30.62 0.99
C PRO B 157 7.71 31.44 2.26
N PHE B 158 7.32 32.71 2.17
CA PHE B 158 7.08 33.52 3.35
C PHE B 158 5.55 33.65 3.49
N PRO B 159 5.03 33.26 4.64
CA PRO B 159 3.56 33.18 4.84
C PRO B 159 2.89 34.54 5.09
N THR B 160 1.60 34.70 4.70
CA THR B 160 0.81 35.89 5.06
C THR B 160 0.68 36.05 6.57
N PRO B 161 0.43 37.29 7.01
CA PRO B 161 0.29 37.64 8.44
C PRO B 161 -0.63 36.71 9.26
N GLU B 162 -1.77 36.35 8.69
CA GLU B 162 -2.71 35.53 9.44
C GLU B 162 -2.07 34.20 9.84
N ILE B 163 -1.03 33.76 9.11
CA ILE B 163 -0.28 32.55 9.46
C ILE B 163 0.99 32.89 10.26
N PHE B 164 1.84 33.78 9.72
CA PHE B 164 3.07 34.18 10.36
C PHE B 164 2.87 34.74 11.78
N ASN B 165 1.81 35.55 12.00
CA ASN B 165 1.64 36.22 13.29
C ASN B 165 1.24 35.27 14.44
N ALA B 166 0.74 34.09 14.09
CA ALA B 166 0.55 33.03 15.06
C ALA B 166 1.86 32.57 15.73
N LEU B 167 3.01 32.72 15.08
CA LEU B 167 4.27 32.29 15.68
C LEU B 167 4.53 33.10 16.94
N PRO B 168 4.65 32.44 18.10
CA PRO B 168 4.86 33.16 19.38
C PRO B 168 6.01 34.18 19.33
N THR B 169 6.93 33.99 18.42
CA THR B 169 8.09 34.87 18.41
C THR B 169 8.23 35.68 17.10
N TYR B 170 7.10 35.80 16.37
CA TYR B 170 7.06 36.50 15.07
C TYR B 170 7.65 37.90 15.06
N ASP B 171 7.46 38.65 16.14
CA ASP B 171 7.89 40.03 16.18
C ASP B 171 9.41 40.16 16.32
N THR B 172 10.05 39.25 17.06
CA THR B 172 11.51 39.21 17.11
C THR B 172 12.08 38.84 15.73
N LEU B 173 11.58 37.75 15.17
CA LEU B 173 11.96 37.29 13.83
C LEU B 173 11.90 38.41 12.77
N LEU B 174 10.92 39.30 12.92
CA LEU B 174 10.71 40.43 12.03
C LEU B 174 11.73 41.54 12.26
N GLU B 175 11.97 41.89 13.53
CA GLU B 175 13.00 42.88 13.88
C GLU B 175 14.36 42.47 13.35
N GLN B 176 14.69 41.19 13.51
CA GLN B 176 15.97 40.60 13.10
C GLN B 176 16.19 40.55 11.60
N LEU B 177 15.12 40.26 10.85
CA LEU B 177 15.25 40.18 9.40
C LEU B 177 15.58 41.54 8.78
N CYS B 178 15.18 42.62 9.45
CA CYS B 178 15.41 43.96 8.94
C CYS B 178 16.87 44.40 9.16
N ASP B 179 17.71 43.55 9.73
CA ASP B 179 19.15 43.85 9.88
C ASP B 179 19.95 43.47 8.64
N TYR B 180 19.40 42.59 7.81
CA TYR B 180 19.91 42.40 6.46
C TYR B 180 19.75 43.69 5.66
N ASP B 181 20.67 43.91 4.72
CA ASP B 181 20.61 45.05 3.81
C ASP B 181 19.73 44.73 2.61
N LEU B 182 19.66 43.46 2.26
CA LEU B 182 18.90 42.99 1.11
C LEU B 182 18.23 41.66 1.45
N LEU B 183 16.95 41.55 1.13
CA LEU B 183 16.20 40.32 1.39
C LEU B 183 15.62 39.82 0.07
N GLY B 184 16.02 38.59 -0.31
CA GLY B 184 15.60 38.01 -1.57
C GLY B 184 14.56 36.92 -1.37
N PHE B 185 13.57 36.89 -2.25
CA PHE B 185 12.49 35.91 -2.16
C PHE B 185 12.26 35.21 -3.51
N GLN B 186 11.63 34.04 -3.51
CA GLN B 186 11.40 33.36 -4.79
C GLN B 186 10.27 33.89 -5.67
N THR B 187 9.25 34.49 -5.04
CA THR B 187 8.13 35.07 -5.77
C THR B 187 7.71 36.46 -5.22
N GLU B 188 7.03 37.24 -6.04
CA GLU B 188 6.43 38.50 -5.62
C GLU B 188 5.53 38.34 -4.39
N ASN B 189 4.72 37.29 -4.37
CA ASN B 189 3.85 37.07 -3.23
C ASN B 189 4.59 36.78 -1.91
N ASP B 190 5.77 36.17 -1.98
CA ASP B 190 6.56 36.01 -0.77
C ASP B 190 7.06 37.36 -0.30
N ARG B 191 7.53 38.16 -1.24
CA ARG B 191 8.06 39.50 -0.93
C ARG B 191 6.98 40.38 -0.29
N LEU B 192 5.80 40.37 -0.90
CA LEU B 192 4.64 41.10 -0.41
C LEU B 192 4.18 40.59 0.96
N ALA B 193 4.16 39.27 1.15
CA ALA B 193 3.76 38.69 2.45
C ALA B 193 4.68 39.19 3.56
N PHE B 194 5.99 39.16 3.32
CA PHE B 194 6.93 39.68 4.30
C PHE B 194 6.60 41.15 4.65
N LEU B 195 6.46 41.98 3.63
CA LEU B 195 6.20 43.42 3.80
C LEU B 195 4.89 43.67 4.56
N ASP B 196 3.88 42.86 4.27
CA ASP B 196 2.57 42.91 4.93
C ASP B 196 2.69 42.51 6.42
N CYS B 197 3.48 41.46 6.69
CA CYS B 197 3.81 41.08 8.08
C CYS B 197 4.50 42.23 8.82
N LEU B 198 5.55 42.76 8.22
CA LEU B 198 6.29 43.89 8.80
C LEU B 198 5.41 45.14 8.98
N SER B 199 4.53 45.39 8.03
CA SER B 199 3.58 46.50 8.10
C SER B 199 2.53 46.41 9.21
N ASN B 200 2.18 45.18 9.62
CA ASN B 200 1.20 44.91 10.67
C ASN B 200 1.75 45.18 12.07
N LEU B 201 3.07 45.04 12.19
CA LEU B 201 3.80 45.25 13.43
C LEU B 201 4.28 46.68 13.63
N THR B 202 4.76 47.30 12.55
CA THR B 202 5.41 48.60 12.66
C THR B 202 5.29 49.39 11.36
N ARG B 203 5.43 50.71 11.48
CA ARG B 203 5.41 51.59 10.31
C ARG B 203 6.62 51.31 9.43
N VAL B 204 6.37 50.98 8.16
CA VAL B 204 7.50 50.99 7.23
C VAL B 204 7.27 51.96 6.07
N THR B 205 8.39 52.59 5.71
CA THR B 205 8.43 53.64 4.70
C THR B 205 9.09 53.09 3.45
N THR B 206 8.42 53.24 2.31
CA THR B 206 8.98 52.89 1.01
C THR B 206 9.10 54.19 0.22
N ARG B 207 10.26 54.83 0.28
CA ARG B 207 10.45 56.13 -0.37
C ARG B 207 10.75 55.99 -1.87
N SER B 208 11.17 54.80 -2.29
CA SER B 208 11.51 54.53 -3.69
C SER B 208 11.40 53.03 -3.96
N ALA B 209 11.37 52.66 -5.24
CA ALA B 209 11.06 51.27 -5.65
C ALA B 209 11.81 50.17 -4.86
N LYS B 210 11.03 49.36 -4.13
CA LYS B 210 11.55 48.23 -3.35
C LYS B 210 12.66 48.60 -2.33
N SER B 211 12.59 49.81 -1.78
CA SER B 211 13.55 50.28 -0.78
C SER B 211 12.81 50.75 0.46
N HIS B 212 13.14 50.17 1.60
CA HIS B 212 12.30 50.32 2.78
C HIS B 212 13.05 50.81 4.03
N THR B 213 12.29 51.40 4.95
CA THR B 213 12.78 51.68 6.30
C THR B 213 11.76 51.14 7.32
N ALA B 214 12.28 50.57 8.40
CA ALA B 214 11.49 50.13 9.55
C ALA B 214 12.35 50.22 10.80
N TRP B 215 11.79 50.80 11.86
CA TRP B 215 12.53 51.15 13.10
C TRP B 215 13.83 51.88 12.82
N GLY B 216 13.86 52.68 11.74
CA GLY B 216 15.07 53.38 11.36
C GLY B 216 16.10 52.54 10.61
N LYS B 217 15.87 51.22 10.49
CA LYS B 217 16.76 50.32 9.74
C LYS B 217 16.39 50.26 8.26
N ALA B 218 17.36 50.59 7.41
CA ALA B 218 17.16 50.58 5.96
C ALA B 218 17.47 49.21 5.37
N PHE B 219 16.67 48.81 4.38
CA PHE B 219 16.83 47.54 3.67
C PHE B 219 16.10 47.52 2.31
N ARG B 220 16.51 46.60 1.45
CA ARG B 220 15.88 46.41 0.13
C ARG B 220 15.22 45.02 0.04
N THR B 221 14.17 44.89 -0.77
CA THR B 221 13.62 43.56 -1.08
C THR B 221 13.50 43.38 -2.57
N GLU B 222 13.51 42.12 -3.01
CA GLU B 222 13.54 41.81 -4.43
C GLU B 222 13.21 40.34 -4.65
N VAL B 223 12.88 39.99 -5.89
CA VAL B 223 12.46 38.63 -6.26
C VAL B 223 13.55 38.02 -7.13
N TYR B 224 14.10 36.89 -6.71
CA TYR B 224 15.06 36.13 -7.52
C TYR B 224 14.64 34.65 -7.55
N PRO B 225 13.80 34.26 -8.52
CA PRO B 225 13.29 32.89 -8.57
C PRO B 225 14.43 31.97 -8.97
N ILE B 226 14.80 31.07 -8.07
CA ILE B 226 15.97 30.22 -8.30
C ILE B 226 15.77 29.39 -9.57
N GLY B 227 16.86 29.20 -10.30
CA GLY B 227 16.78 28.51 -11.57
C GLY B 227 17.63 27.27 -11.63
N ILE B 228 17.82 26.83 -12.87
CA ILE B 228 18.53 25.59 -13.18
C ILE B 228 19.73 25.85 -14.12
N GLU B 229 20.55 24.81 -14.36
CA GLU B 229 21.62 24.88 -15.38
C GLU B 229 21.21 24.03 -16.58
N PRO B 230 20.50 24.62 -17.55
CA PRO B 230 19.80 23.85 -18.58
C PRO B 230 20.70 22.97 -19.44
N LYS B 231 21.90 23.45 -19.80
CA LYS B 231 22.81 22.69 -20.65
C LYS B 231 23.16 21.33 -20.04
N GLU B 232 23.63 21.35 -18.79
CA GLU B 232 24.05 20.14 -18.11
C GLU B 232 22.88 19.17 -17.85
N ILE B 233 21.68 19.71 -17.62
CA ILE B 233 20.51 18.84 -17.50
C ILE B 233 20.29 18.07 -18.82
N ALA B 234 20.21 18.79 -19.94
CA ALA B 234 20.11 18.18 -21.28
C ALA B 234 21.24 17.18 -21.58
N LYS B 235 22.45 17.52 -21.18
CA LYS B 235 23.59 16.63 -21.38
C LYS B 235 23.40 15.29 -20.64
N GLN B 236 23.10 15.39 -19.35
CA GLN B 236 22.88 14.22 -18.49
C GLN B 236 21.68 13.41 -18.95
N ALA B 237 20.60 14.10 -19.32
CA ALA B 237 19.36 13.46 -19.77
C ALA B 237 19.57 12.65 -21.05
N ALA B 238 20.47 13.13 -21.92
CA ALA B 238 20.65 12.56 -23.25
C ALA B 238 21.50 11.31 -23.27
N GLY B 239 22.35 11.17 -22.25
CA GLY B 239 23.29 10.07 -22.12
C GLY B 239 22.67 8.68 -22.15
N PRO B 240 23.50 7.67 -22.41
CA PRO B 240 23.04 6.27 -22.44
C PRO B 240 22.53 5.77 -21.09
N LEU B 241 21.33 5.19 -21.07
CA LEU B 241 20.78 4.55 -19.87
C LEU B 241 21.67 3.38 -19.46
N PRO B 242 21.71 3.04 -18.16
CA PRO B 242 22.25 1.74 -17.74
C PRO B 242 21.45 0.60 -18.39
N PRO B 243 22.11 -0.51 -18.78
CA PRO B 243 21.46 -1.56 -19.58
C PRO B 243 20.04 -1.89 -19.14
N LYS B 244 19.89 -2.29 -17.87
CA LYS B 244 18.61 -2.75 -17.31
C LYS B 244 17.51 -1.71 -17.42
N LEU B 245 17.88 -0.46 -17.65
CA LEU B 245 16.94 0.64 -17.78
C LEU B 245 16.45 0.84 -19.21
N ALA B 246 17.29 0.43 -20.16
CA ALA B 246 16.93 0.43 -21.58
C ALA B 246 16.26 -0.90 -21.97
N GLN B 247 15.93 -1.71 -20.97
CA GLN B 247 15.18 -2.95 -21.18
C GLN B 247 13.67 -2.71 -21.10
N LEU B 248 13.28 -1.56 -20.54
CA LEU B 248 11.87 -1.21 -20.35
C LEU B 248 11.46 0.07 -21.13
N LYS B 249 12.41 0.62 -21.88
CA LYS B 249 12.12 1.77 -22.75
C LYS B 249 11.25 1.34 -23.94
N ALA B 250 11.71 0.30 -24.66
CA ALA B 250 10.96 -0.27 -25.78
C ALA B 250 10.17 -1.55 -25.40
N GLU B 251 9.93 -1.69 -24.09
CA GLU B 251 9.03 -2.71 -23.55
C GLU B 251 7.72 -2.00 -23.27
N LEU B 252 7.83 -0.69 -23.09
CA LEU B 252 6.70 0.19 -22.84
C LEU B 252 6.43 1.06 -24.05
N LYS B 253 6.63 0.49 -25.25
CA LYS B 253 6.41 1.21 -26.51
C LYS B 253 5.01 1.83 -26.53
N ASN B 254 4.03 1.03 -26.10
CA ASN B 254 2.63 1.44 -26.10
C ASN B 254 2.09 1.91 -24.76
N VAL B 255 2.96 2.02 -23.75
CA VAL B 255 2.57 2.49 -22.42
C VAL B 255 3.17 3.84 -22.06
N GLN B 256 2.32 4.82 -21.80
CA GLN B 256 2.82 6.15 -21.42
C GLN B 256 3.14 6.22 -19.93
N ASN B 257 4.18 6.97 -19.58
CA ASN B 257 4.68 7.06 -18.22
C ASN B 257 4.45 8.45 -17.59
N ILE B 258 3.73 8.49 -16.47
CA ILE B 258 3.59 9.70 -15.67
C ILE B 258 4.59 9.57 -14.53
N PHE B 259 5.35 10.63 -14.31
CA PHE B 259 6.51 10.53 -13.41
C PHE B 259 6.62 11.68 -12.40
N SER B 260 6.86 11.32 -11.15
CA SER B 260 7.13 12.30 -10.09
C SER B 260 8.27 11.76 -9.24
N VAL B 261 9.11 12.67 -8.81
CA VAL B 261 10.09 12.38 -7.80
C VAL B 261 10.09 13.55 -6.81
N GLU B 262 10.03 13.24 -5.52
CA GLU B 262 10.37 14.22 -4.50
C GLU B 262 10.62 13.61 -3.15
N ARG B 263 11.08 14.48 -2.26
CA ARG B 263 11.15 14.22 -0.84
C ARG B 263 9.76 13.97 -0.27
N LEU B 264 9.69 13.04 0.68
CA LEU B 264 8.53 12.86 1.50
C LEU B 264 8.46 14.00 2.50
N ASP B 265 7.48 14.88 2.35
CA ASP B 265 7.06 15.81 3.39
C ASP B 265 5.60 16.22 3.16
N TYR B 266 4.92 16.72 4.18
CA TYR B 266 3.49 17.09 4.06
C TYR B 266 3.16 18.15 3.00
N SER B 267 4.12 19.02 2.70
CA SER B 267 3.94 20.07 1.69
C SER B 267 3.82 19.58 0.25
N LYS B 268 4.25 18.34 -0.01
CA LYS B 268 4.28 17.85 -1.38
C LYS B 268 2.94 17.26 -1.83
N GLY B 269 2.07 16.96 -0.88
CA GLY B 269 0.73 16.49 -1.18
C GLY B 269 0.73 15.15 -1.90
N LEU B 270 1.54 14.24 -1.40
CA LEU B 270 1.70 12.96 -2.06
C LEU B 270 0.42 12.09 -2.03
N PRO B 271 -0.25 11.96 -0.89
CA PRO B 271 -1.48 11.15 -0.88
C PRO B 271 -2.51 11.77 -1.83
N GLU B 272 -2.55 13.10 -1.90
CA GLU B 272 -3.46 13.82 -2.79
C GLU B 272 -3.18 13.46 -4.25
N ARG B 273 -1.90 13.32 -4.59
CA ARG B 273 -1.44 12.87 -5.90
C ARG B 273 -1.94 11.47 -6.25
N PHE B 274 -1.83 10.55 -5.30
CA PHE B 274 -2.28 9.18 -5.53
C PHE B 274 -3.79 9.18 -5.79
N LEU B 275 -4.51 9.99 -5.00
CA LEU B 275 -5.96 10.16 -5.14
C LEU B 275 -6.31 10.70 -6.54
N ALA B 276 -5.54 11.65 -7.05
CA ALA B 276 -5.73 12.17 -8.41
C ALA B 276 -5.52 11.13 -9.51
N TYR B 277 -4.50 10.30 -9.35
CA TYR B 277 -4.27 9.20 -10.30
C TYR B 277 -5.43 8.18 -10.24
N GLU B 278 -5.90 7.90 -9.03
CA GLU B 278 -7.08 7.04 -8.85
C GLU B 278 -8.27 7.60 -9.63
N ALA B 279 -8.53 8.90 -9.47
CA ALA B 279 -9.63 9.58 -10.16
C ALA B 279 -9.45 9.50 -11.68
N LEU B 280 -8.21 9.56 -12.16
CA LEU B 280 -7.95 9.35 -13.58
C LEU B 280 -8.32 7.93 -13.98
N LEU B 281 -7.89 6.96 -13.19
CA LEU B 281 -8.19 5.56 -13.47
C LEU B 281 -9.68 5.27 -13.39
N GLU B 282 -10.37 5.98 -12.50
CA GLU B 282 -11.77 5.76 -12.25
C GLU B 282 -12.66 6.32 -13.35
N LYS B 283 -12.34 7.53 -13.80
CA LYS B 283 -13.22 8.25 -14.73
C LYS B 283 -12.75 8.21 -16.20
N TYR B 284 -11.52 7.76 -16.45
CA TYR B 284 -11.04 7.60 -17.81
C TYR B 284 -10.55 6.17 -18.08
N PRO B 285 -11.48 5.20 -18.14
CA PRO B 285 -11.09 3.79 -18.34
C PRO B 285 -10.38 3.52 -19.69
N GLN B 286 -10.46 4.42 -20.67
CA GLN B 286 -9.64 4.29 -21.90
C GLN B 286 -8.15 4.04 -21.63
N HIS B 287 -7.65 4.54 -20.51
CA HIS B 287 -6.21 4.53 -20.28
C HIS B 287 -5.71 3.21 -19.65
N HIS B 288 -6.62 2.37 -19.16
CA HIS B 288 -6.20 1.13 -18.48
C HIS B 288 -5.28 0.26 -19.34
N GLY B 289 -4.20 -0.20 -18.72
CA GLY B 289 -3.22 -1.03 -19.40
C GLY B 289 -2.25 -0.25 -20.26
N LYS B 290 -2.48 1.07 -20.39
CA LYS B 290 -1.77 1.88 -21.37
C LYS B 290 -0.99 3.06 -20.76
N ILE B 291 -1.13 3.23 -19.45
CA ILE B 291 -0.41 4.27 -18.73
C ILE B 291 0.17 3.68 -17.48
N ARG B 292 1.07 4.43 -16.87
CA ARG B 292 1.60 4.09 -15.58
C ARG B 292 2.00 5.36 -14.85
N TYR B 293 1.80 5.38 -13.55
CA TYR B 293 2.31 6.45 -12.69
C TYR B 293 3.45 5.86 -11.82
N THR B 294 4.63 6.47 -11.93
CA THR B 294 5.79 6.09 -11.12
C THR B 294 6.09 7.26 -10.17
N GLN B 295 6.13 6.97 -8.87
CA GLN B 295 6.48 7.94 -7.88
C GLN B 295 7.74 7.48 -7.17
N ILE B 296 8.78 8.28 -7.24
CA ILE B 296 9.95 8.03 -6.42
C ILE B 296 9.91 9.01 -5.26
N ALA B 297 10.13 8.49 -4.05
CA ALA B 297 10.18 9.34 -2.87
C ALA B 297 11.00 8.68 -1.77
N PRO B 298 12.27 9.07 -1.69
CA PRO B 298 13.13 8.72 -0.54
C PRO B 298 12.65 9.41 0.74
N THR B 299 12.65 8.64 1.82
CA THR B 299 12.32 9.15 3.16
C THR B 299 13.25 10.29 3.58
N SER B 300 12.69 11.22 4.36
CA SER B 300 13.39 12.44 4.78
C SER B 300 12.83 12.97 6.11
N ARG B 301 13.72 13.49 6.95
CA ARG B 301 13.38 14.13 8.24
C ARG B 301 12.37 13.34 9.12
N GLY B 302 12.50 12.01 9.13
CA GLY B 302 11.72 11.18 10.04
C GLY B 302 12.30 11.16 11.44
N ASP B 303 13.09 12.18 11.78
CA ASP B 303 13.80 12.27 13.07
C ASP B 303 12.96 12.84 14.23
N VAL B 304 12.23 13.93 13.95
CA VAL B 304 11.33 14.58 14.93
C VAL B 304 9.86 14.55 14.47
N GLN B 305 9.00 14.03 15.34
CA GLN B 305 7.58 13.70 15.02
C GLN B 305 7.40 12.82 13.76
N ALA B 306 8.51 12.55 13.08
CA ALA B 306 8.59 11.67 11.92
C ALA B 306 7.41 11.81 10.96
N TYR B 307 7.50 12.75 10.03
CA TYR B 307 6.65 12.64 8.85
C TYR B 307 7.16 11.45 8.03
N GLN B 308 6.40 10.37 8.18
CA GLN B 308 6.81 8.99 7.97
C GLN B 308 5.51 8.25 8.23
N ASP B 309 4.59 8.98 8.85
CA ASP B 309 3.17 8.67 8.81
C ASP B 309 2.68 8.85 7.37
N ILE B 310 3.41 9.63 6.57
CA ILE B 310 3.07 9.73 5.16
C ILE B 310 3.66 8.58 4.30
N ARG B 311 4.86 8.10 4.64
CA ARG B 311 5.40 6.87 4.06
C ARG B 311 4.38 5.74 4.19
N HIS B 312 3.94 5.50 5.42
CA HIS B 312 2.96 4.49 5.77
C HIS B 312 1.68 4.60 4.92
N GLN B 313 1.17 5.82 4.79
CA GLN B 313 -0.05 6.08 4.03
C GLN B 313 0.13 5.85 2.53
N LEU B 314 1.30 6.20 2.01
CA LEU B 314 1.62 5.95 0.61
C LEU B 314 1.70 4.44 0.32
N GLU B 315 2.31 3.69 1.24
CA GLU B 315 2.37 2.25 1.15
C GLU B 315 0.96 1.69 1.05
N ASN B 316 0.09 2.12 1.96
CA ASN B 316 -1.30 1.69 1.99
C ASN B 316 -2.00 2.00 0.68
N GLU B 317 -1.83 3.23 0.20
CA GLU B 317 -2.52 3.72 -0.98
C GLU B 317 -2.05 3.05 -2.29
N ALA B 318 -0.75 2.78 -2.39
CA ALA B 318 -0.23 2.04 -3.53
C ALA B 318 -0.87 0.65 -3.55
N GLY B 319 -0.88 0.00 -2.39
CA GLY B 319 -1.49 -1.32 -2.26
C GLY B 319 -2.98 -1.27 -2.59
N ARG B 320 -3.68 -0.28 -2.05
CA ARG B 320 -5.12 -0.13 -2.31
C ARG B 320 -5.41 0.08 -3.80
N ILE B 321 -4.77 1.07 -4.40
CA ILE B 321 -5.01 1.44 -5.80
C ILE B 321 -4.64 0.34 -6.82
N ASN B 322 -3.46 -0.24 -6.66
CA ASN B 322 -3.08 -1.40 -7.45
C ASN B 322 -3.99 -2.58 -7.25
N GLY B 323 -4.38 -2.85 -6.01
CA GLY B 323 -5.32 -3.93 -5.72
C GLY B 323 -6.68 -3.81 -6.40
N LYS B 324 -7.13 -2.58 -6.60
CA LYS B 324 -8.42 -2.27 -7.20
C LYS B 324 -8.40 -2.25 -8.74
N TYR B 325 -7.38 -1.60 -9.30
CA TYR B 325 -7.27 -1.33 -10.73
C TYR B 325 -6.24 -2.18 -11.46
N GLY B 326 -5.40 -2.89 -10.72
CA GLY B 326 -4.41 -3.73 -11.33
C GLY B 326 -4.99 -4.95 -12.03
N GLN B 327 -4.17 -5.53 -12.90
CA GLN B 327 -4.48 -6.74 -13.64
C GLN B 327 -3.28 -7.63 -13.53
N LEU B 328 -3.44 -8.89 -13.91
CA LEU B 328 -2.35 -9.84 -13.89
C LEU B 328 -1.11 -9.36 -14.62
N GLY B 329 -1.31 -8.54 -15.67
CA GLY B 329 -0.20 -8.10 -16.48
C GLY B 329 -0.02 -6.59 -16.49
N TRP B 330 -0.70 -5.90 -15.59
CA TRP B 330 -0.61 -4.44 -15.51
C TRP B 330 -0.70 -3.89 -14.08
N THR B 331 0.37 -3.26 -13.64
CA THR B 331 0.39 -2.56 -12.36
C THR B 331 0.28 -1.06 -12.63
N PRO B 332 -0.83 -0.44 -12.26
CA PRO B 332 -1.07 0.99 -12.50
C PRO B 332 -0.05 1.93 -11.83
N LEU B 333 0.37 1.61 -10.60
CA LEU B 333 1.13 2.55 -9.78
C LEU B 333 2.42 1.91 -9.28
N TYR B 334 3.54 2.55 -9.61
CA TYR B 334 4.81 2.07 -9.13
C TYR B 334 5.21 3.10 -8.08
N TYR B 335 5.34 2.66 -6.84
CA TYR B 335 5.81 3.55 -5.78
C TYR B 335 7.14 3.03 -5.33
N LEU B 336 8.17 3.87 -5.44
CA LEU B 336 9.51 3.42 -5.05
C LEU B 336 10.08 4.30 -3.95
N ASN B 337 10.38 3.68 -2.82
CA ASN B 337 10.93 4.37 -1.66
C ASN B 337 12.42 4.07 -1.65
N GLN B 338 13.11 4.69 -2.60
CA GLN B 338 14.49 4.35 -2.89
C GLN B 338 15.20 5.59 -3.40
N HIS B 339 16.52 5.62 -3.18
CA HIS B 339 17.43 6.65 -3.68
C HIS B 339 17.85 6.37 -5.13
N PHE B 340 17.74 7.39 -5.99
CA PHE B 340 18.17 7.32 -7.38
C PHE B 340 19.19 8.43 -7.66
N ASP B 341 20.26 8.08 -8.37
CA ASP B 341 21.22 9.06 -8.86
C ASP B 341 20.55 10.17 -9.68
N ARG B 342 20.99 11.41 -9.45
CA ARG B 342 20.56 12.58 -10.22
C ARG B 342 20.65 12.38 -11.75
N LYS B 343 21.81 11.90 -12.20
CA LYS B 343 22.05 11.58 -13.61
C LYS B 343 20.95 10.69 -14.18
N LEU B 344 20.67 9.56 -13.52
CA LEU B 344 19.61 8.66 -13.98
C LEU B 344 18.24 9.33 -13.98
N LEU B 345 17.94 10.13 -12.93
CA LEU B 345 16.64 10.78 -12.83
C LEU B 345 16.39 11.73 -13.99
N MET B 346 17.46 12.37 -14.47
CA MET B 346 17.40 13.23 -15.66
C MET B 346 16.98 12.44 -16.91
N LYS B 347 17.46 11.19 -17.00
CA LYS B 347 17.11 10.33 -18.13
C LYS B 347 15.67 9.84 -17.99
N ILE B 348 15.23 9.57 -16.77
CA ILE B 348 13.85 9.14 -16.58
C ILE B 348 12.88 10.27 -16.99
N PHE B 349 13.20 11.51 -16.60
CA PHE B 349 12.44 12.69 -17.03
C PHE B 349 12.25 12.72 -18.55
N ARG B 350 13.34 12.55 -19.28
CA ARG B 350 13.34 12.56 -20.72
C ARG B 350 12.44 11.49 -21.32
N TYR B 351 12.43 10.30 -20.72
CA TYR B 351 11.65 9.21 -21.26
C TYR B 351 10.23 9.11 -20.69
N SER B 352 9.91 10.02 -19.77
CA SER B 352 8.56 10.09 -19.22
C SER B 352 7.66 11.03 -20.02
N ASP B 353 6.48 10.57 -20.37
CA ASP B 353 5.54 11.38 -21.16
C ASP B 353 4.87 12.53 -20.39
N VAL B 354 4.73 12.37 -19.08
CA VAL B 354 4.09 13.39 -18.27
C VAL B 354 4.90 13.59 -16.99
N GLY B 355 5.17 14.84 -16.67
CA GLY B 355 5.85 15.19 -15.42
C GLY B 355 4.82 15.74 -14.47
N LEU B 356 4.65 15.10 -13.32
CA LEU B 356 3.60 15.46 -12.39
C LEU B 356 4.26 16.13 -11.19
N VAL B 357 4.06 17.43 -11.08
CA VAL B 357 4.65 18.18 -9.98
C VAL B 357 3.57 18.97 -9.27
N THR B 358 2.96 18.35 -8.25
CA THR B 358 1.80 18.97 -7.63
C THR B 358 1.90 19.15 -6.12
N PRO B 359 2.93 19.84 -5.64
CA PRO B 359 2.98 20.17 -4.21
C PRO B 359 1.81 21.06 -3.75
N LEU B 360 1.51 20.97 -2.46
CA LEU B 360 0.47 21.76 -1.84
C LEU B 360 1.00 23.17 -1.58
N ARG B 361 2.31 23.26 -1.34
CA ARG B 361 2.97 24.54 -1.21
C ARG B 361 4.46 24.29 -1.48
N ASP B 362 5.09 25.14 -2.31
CA ASP B 362 6.52 25.00 -2.64
C ASP B 362 7.19 26.35 -2.95
N GLY B 363 8.28 26.67 -2.24
CA GLY B 363 9.07 27.86 -2.54
C GLY B 363 9.24 28.06 -4.04
N MET B 364 9.74 27.02 -4.73
CA MET B 364 9.98 27.10 -6.16
C MET B 364 9.67 25.79 -6.83
N ASN B 365 10.43 24.76 -6.44
CA ASN B 365 10.38 23.42 -7.03
C ASN B 365 11.23 23.34 -8.28
N LEU B 366 12.48 22.94 -8.10
CA LEU B 366 13.40 22.77 -9.20
C LEU B 366 13.08 21.58 -10.12
N VAL B 367 12.47 20.53 -9.58
CA VAL B 367 12.04 19.39 -10.38
C VAL B 367 11.22 19.81 -11.59
N ALA B 368 10.26 20.73 -11.42
CA ALA B 368 9.49 21.25 -12.56
C ALA B 368 10.37 21.76 -13.68
N LYS B 369 11.45 22.47 -13.34
CA LYS B 369 12.35 23.04 -14.35
C LYS B 369 13.27 21.98 -14.95
N GLU B 370 13.74 21.07 -14.10
CA GLU B 370 14.57 19.96 -14.58
C GLU B 370 13.77 19.12 -15.57
N TYR B 371 12.53 18.79 -15.21
CA TYR B 371 11.72 17.98 -16.10
C TYR B 371 11.71 18.67 -17.48
N VAL B 372 11.42 19.97 -17.56
CA VAL B 372 11.37 20.39 -18.97
C VAL B 372 12.75 20.60 -19.63
N ALA B 373 13.82 20.88 -18.88
CA ALA B 373 15.16 20.99 -19.49
C ALA B 373 15.72 19.68 -20.01
N ALA B 374 15.26 18.58 -19.41
CA ALA B 374 15.70 17.23 -19.76
C ALA B 374 15.01 16.71 -21.01
N GLN B 375 13.91 17.32 -21.40
CA GLN B 375 13.16 16.82 -22.55
C GLN B 375 13.95 16.87 -23.85
N ASP B 376 13.72 15.89 -24.70
CA ASP B 376 14.01 16.01 -26.11
C ASP B 376 13.09 17.11 -26.66
N PRO B 377 13.64 18.23 -27.11
CA PRO B 377 12.80 19.31 -27.67
C PRO B 377 12.06 18.86 -28.94
N ALA B 378 12.53 17.80 -29.60
CA ALA B 378 11.86 17.23 -30.76
C ALA B 378 10.62 16.39 -30.40
N ASN B 379 10.59 15.85 -29.18
CA ASN B 379 9.49 15.00 -28.70
C ASN B 379 9.35 15.07 -27.18
N PRO B 380 8.93 16.22 -26.67
CA PRO B 380 8.91 16.47 -25.22
C PRO B 380 7.63 16.00 -24.55
N GLY B 381 7.75 15.66 -23.28
CA GLY B 381 6.61 15.40 -22.43
C GLY B 381 5.90 16.65 -21.94
N VAL B 382 4.82 16.45 -21.18
CA VAL B 382 4.00 17.55 -20.69
C VAL B 382 4.21 17.67 -19.19
N LEU B 383 4.37 18.91 -18.73
CA LEU B 383 4.41 19.26 -17.30
C LEU B 383 3.01 19.62 -16.78
N VAL B 384 2.55 18.84 -15.79
CA VAL B 384 1.38 19.18 -14.99
C VAL B 384 1.92 19.76 -13.68
N LEU B 385 1.59 21.02 -13.43
CA LEU B 385 2.15 21.74 -12.30
C LEU B 385 1.12 22.40 -11.39
N SER B 386 1.31 22.23 -10.08
CA SER B 386 0.47 22.91 -9.08
C SER B 386 0.63 24.43 -9.15
N GLN B 387 -0.48 25.16 -8.98
CA GLN B 387 -0.47 26.63 -8.95
C GLN B 387 0.18 27.11 -7.63
N PHE B 388 0.33 26.19 -6.67
CA PHE B 388 0.93 26.54 -5.42
C PHE B 388 2.45 26.35 -5.39
N ALA B 389 3.02 25.94 -6.53
CA ALA B 389 4.47 25.87 -6.72
C ALA B 389 4.96 27.23 -7.21
N GLY B 390 6.04 27.73 -6.62
CA GLY B 390 6.60 29.01 -7.01
C GLY B 390 6.97 29.06 -8.49
N ALA B 391 7.33 27.91 -9.06
CA ALA B 391 7.68 27.82 -10.48
C ALA B 391 6.51 28.16 -11.41
N ALA B 392 5.28 28.09 -10.88
CA ALA B 392 4.09 28.32 -11.72
C ALA B 392 3.93 29.77 -12.19
N ASN B 393 4.53 30.71 -11.47
CA ASN B 393 4.60 32.11 -11.92
C ASN B 393 5.34 32.24 -13.23
N GLU B 394 6.33 31.39 -13.47
CA GLU B 394 7.06 31.49 -14.72
C GLU B 394 6.68 30.45 -15.76
N LEU B 395 6.34 29.23 -15.33
CA LEU B 395 6.07 28.12 -16.24
C LEU B 395 4.59 28.13 -16.57
N THR B 396 4.19 29.27 -17.12
CA THR B 396 2.84 29.61 -17.47
C THR B 396 2.23 28.68 -18.53
N SER B 397 3.09 28.12 -19.38
CA SER B 397 2.72 27.10 -20.37
C SER B 397 2.55 25.66 -19.85
N ALA B 398 2.82 25.44 -18.58
CA ALA B 398 2.60 24.15 -17.95
C ALA B 398 1.08 23.96 -17.86
N LEU B 399 0.64 22.73 -17.68
CA LEU B 399 -0.75 22.50 -17.30
C LEU B 399 -0.88 22.77 -15.81
N ILE B 400 -1.49 23.91 -15.50
CA ILE B 400 -1.52 24.42 -14.12
C ILE B 400 -2.77 23.89 -13.45
N VAL B 401 -2.60 23.32 -12.26
CA VAL B 401 -3.74 22.72 -11.58
C VAL B 401 -3.84 23.07 -10.10
N ASN B 402 -5.05 22.92 -9.56
CA ASN B 402 -5.29 23.02 -8.13
C ASN B 402 -5.36 21.59 -7.57
N PRO B 403 -4.33 21.16 -6.86
CA PRO B 403 -4.29 19.80 -6.27
C PRO B 403 -5.41 19.53 -5.26
N TYR B 404 -6.07 20.54 -4.69
CA TYR B 404 -7.26 20.34 -3.86
C TYR B 404 -8.49 19.86 -4.67
N ASP B 405 -8.35 19.85 -6.00
CA ASP B 405 -9.41 19.45 -6.90
C ASP B 405 -8.94 18.25 -7.71
N ARG B 406 -9.01 17.07 -7.09
CA ARG B 406 -8.40 15.91 -7.74
C ARG B 406 -8.95 15.59 -9.16
N ASP B 407 -10.20 15.92 -9.43
CA ASP B 407 -10.77 15.73 -10.76
C ASP B 407 -10.17 16.69 -11.79
N GLU B 408 -9.89 17.92 -11.37
CA GLU B 408 -9.20 18.84 -12.26
C GLU B 408 -7.79 18.27 -12.54
N VAL B 409 -7.11 17.75 -11.52
CA VAL B 409 -5.77 17.15 -11.75
C VAL B 409 -5.88 15.94 -12.73
N ALA B 410 -6.89 15.10 -12.52
CA ALA B 410 -7.08 13.97 -13.41
C ALA B 410 -7.31 14.41 -14.88
N ALA B 411 -8.18 15.41 -15.07
CA ALA B 411 -8.48 15.95 -16.38
C ALA B 411 -7.23 16.52 -17.07
N ALA B 412 -6.38 17.20 -16.29
CA ALA B 412 -5.09 17.66 -16.79
C ALA B 412 -4.24 16.50 -17.26
N LEU B 413 -4.20 15.46 -16.44
CA LEU B 413 -3.48 14.23 -16.76
C LEU B 413 -4.00 13.61 -18.04
N ASP B 414 -5.31 13.48 -18.16
CA ASP B 414 -5.92 13.04 -19.40
C ASP B 414 -5.53 13.92 -20.59
N ARG B 415 -5.58 15.24 -20.40
CA ARG B 415 -5.19 16.20 -21.46
C ARG B 415 -3.71 16.05 -21.85
N ALA B 416 -2.85 15.84 -20.87
CA ALA B 416 -1.42 15.67 -21.12
C ALA B 416 -1.13 14.39 -21.92
N LEU B 417 -1.89 13.33 -21.65
CA LEU B 417 -1.70 12.03 -22.27
C LEU B 417 -2.19 11.97 -23.71
N THR B 418 -3.07 12.91 -24.08
CA THR B 418 -3.61 12.93 -25.43
C THR B 418 -3.09 14.07 -26.28
N MET B 419 -2.18 14.86 -25.71
CA MET B 419 -1.77 16.10 -26.34
C MET B 419 -0.98 15.85 -27.61
N SER B 420 -1.32 16.58 -28.68
CA SER B 420 -0.61 16.45 -29.97
C SER B 420 0.85 16.89 -29.86
N LEU B 421 1.71 16.30 -30.69
CA LEU B 421 3.11 16.72 -30.80
C LEU B 421 3.27 18.26 -30.97
N ALA B 422 2.50 18.84 -31.90
CA ALA B 422 2.55 20.29 -32.12
C ALA B 422 2.32 21.08 -30.82
N GLU B 423 1.27 20.75 -30.06
CA GLU B 423 1.01 21.45 -28.81
C GLU B 423 2.06 21.15 -27.74
N ARG B 424 2.49 19.90 -27.64
CA ARG B 424 3.58 19.52 -26.71
C ARG B 424 4.86 20.34 -26.97
N ILE B 425 5.18 20.56 -28.25
CA ILE B 425 6.34 21.35 -28.67
C ILE B 425 6.28 22.81 -28.27
N SER B 426 5.18 23.48 -28.62
CA SER B 426 5.08 24.91 -28.32
C SER B 426 5.02 25.19 -26.80
N ARG B 427 4.33 24.33 -26.04
CA ARG B 427 4.30 24.51 -24.57
C ARG B 427 5.70 24.34 -23.99
N HIS B 428 6.39 23.29 -24.40
CA HIS B 428 7.72 22.99 -23.90
C HIS B 428 8.75 24.06 -24.30
N ALA B 429 8.77 24.42 -25.58
CA ALA B 429 9.69 25.46 -26.08
C ALA B 429 9.47 26.76 -25.35
N GLU B 430 8.21 27.06 -25.05
CA GLU B 430 7.86 28.26 -24.28
C GLU B 430 8.43 28.20 -22.87
N MET B 431 8.19 27.12 -22.14
CA MET B 431 8.72 26.97 -20.78
C MET B 431 10.26 26.99 -20.79
N LEU B 432 10.83 26.33 -21.77
CA LEU B 432 12.28 26.18 -21.88
C LEU B 432 13.00 27.51 -22.12
N ASP B 433 12.44 28.33 -23.01
CA ASP B 433 12.98 29.67 -23.23
C ASP B 433 13.06 30.45 -21.91
N VAL B 434 12.01 30.37 -21.08
CA VAL B 434 11.94 31.03 -19.78
C VAL B 434 13.02 30.53 -18.83
N ILE B 435 13.22 29.20 -18.76
CA ILE B 435 14.25 28.64 -17.88
C ILE B 435 15.70 28.93 -18.34
N VAL B 436 15.90 29.09 -19.64
CA VAL B 436 17.22 29.40 -20.19
C VAL B 436 17.59 30.86 -19.92
N LYS B 437 16.59 31.75 -20.03
CA LYS B 437 16.78 33.18 -19.80
C LYS B 437 17.05 33.45 -18.33
N ASN B 438 16.24 32.88 -17.44
CA ASN B 438 16.49 32.96 -16.01
C ASN B 438 17.14 31.70 -15.46
N ASP B 439 18.37 31.44 -15.87
CA ASP B 439 19.08 30.25 -15.39
C ASP B 439 19.73 30.49 -14.02
N ILE B 440 20.31 29.44 -13.48
CA ILE B 440 20.98 29.51 -12.17
C ILE B 440 22.10 30.58 -12.15
N ASN B 441 22.76 30.76 -13.29
CA ASN B 441 23.82 31.79 -13.44
C ASN B 441 23.24 33.21 -13.38
N HIS B 442 22.16 33.43 -14.14
CA HIS B 442 21.46 34.72 -14.09
C HIS B 442 21.03 35.04 -12.66
N TRP B 443 20.51 34.03 -11.96
CA TRP B 443 19.96 34.21 -10.62
C TRP B 443 21.02 34.74 -9.66
N GLN B 444 22.14 34.03 -9.57
CA GLN B 444 23.21 34.41 -8.66
C GLN B 444 23.79 35.78 -9.03
N GLU B 445 23.96 36.03 -10.32
CA GLU B 445 24.50 37.31 -10.80
C GLU B 445 23.59 38.50 -10.50
N CYS B 446 22.27 38.29 -10.62
CA CYS B 446 21.32 39.34 -10.26
C CYS B 446 21.40 39.64 -8.75
N PHE B 447 21.46 38.60 -7.93
CA PHE B 447 21.50 38.80 -6.48
C PHE B 447 22.80 39.50 -6.06
N ILE B 448 23.92 39.04 -6.62
CA ILE B 448 25.21 39.65 -6.31
C ILE B 448 25.25 41.12 -6.76
N SER B 449 24.90 41.38 -8.02
CA SER B 449 24.88 42.75 -8.50
C SER B 449 24.04 43.70 -7.64
N ASP B 450 22.88 43.24 -7.16
CA ASP B 450 22.05 44.05 -6.27
C ASP B 450 22.74 44.23 -4.92
N LEU B 451 23.34 43.16 -4.42
CA LEU B 451 23.96 43.24 -3.10
C LEU B 451 25.15 44.21 -3.10
N LYS B 452 25.89 44.21 -4.22
CA LYS B 452 27.09 45.05 -4.41
C LYS B 452 26.75 46.55 -4.41
N GLN B 453 25.61 46.90 -5.02
CA GLN B 453 25.12 48.27 -5.17
C GLN B 453 24.79 49.00 -3.87
N ILE B 454 24.51 48.25 -2.81
CA ILE B 454 24.12 48.85 -1.53
C ILE B 454 25.34 49.54 -0.93
N VAL B 455 25.16 50.77 -0.46
CA VAL B 455 26.19 51.42 0.37
C VAL B 455 26.10 50.85 1.78
N PRO B 456 27.20 50.28 2.27
CA PRO B 456 27.23 49.73 3.64
C PRO B 456 26.96 50.82 4.68
N ARG B 457 26.41 50.43 5.82
CA ARG B 457 26.09 51.39 6.89
C ARG B 457 27.36 52.09 7.42
N1 UPG C . -12.02 -19.08 -5.54
C2 UPG C . -12.54 -18.52 -6.72
N3 UPG C . -12.28 -17.20 -7.07
C4 UPG C . -11.50 -16.42 -6.22
C5 UPG C . -11.01 -16.95 -5.02
C6 UPG C . -11.26 -18.29 -4.68
O2 UPG C . -13.14 -19.24 -7.51
O4 UPG C . -11.12 -15.30 -6.66
C1C UPG C . -12.37 -20.46 -5.26
C2C UPG C . -11.19 -21.35 -5.18
O2C UPG C . -10.79 -21.75 -6.45
C3C UPG C . -11.72 -22.45 -4.31
C4C UPG C . -12.62 -21.70 -3.32
O4C UPG C . -12.89 -20.44 -3.94
O3C UPG C . -12.48 -23.44 -5.02
C5C UPG C . -11.89 -21.48 -2.00
O5C UPG C . -12.11 -22.64 -1.21
PA UPG C . -10.93 -22.99 -0.16
O1A UPG C . -11.16 -24.33 0.30
O2A UPG C . -9.58 -22.78 -0.78
O3A UPG C . -11.03 -21.89 0.97
PB UPG C . -12.30 -21.43 1.76
O1B UPG C . -12.86 -20.17 1.20
O2B UPG C . -11.86 -20.96 3.14
O3B UPG C . -13.65 -22.16 2.15
C1' UPG C . -13.89 -22.88 3.45
C2' UPG C . -12.95 -23.53 4.38
C3' UPG C . -11.80 -24.42 3.64
C4' UPG C . -12.48 -25.62 2.92
C5' UPG C . -13.76 -25.04 1.97
C6' UPG C . -14.68 -26.28 1.63
O2' UPG C . -12.29 -22.50 5.10
O3' UPG C . -10.58 -25.00 4.43
O4' UPG C . -11.42 -26.27 2.00
O5' UPG C . -14.49 -24.14 2.85
O6' UPG C . -14.78 -27.26 2.68
#